data_9G10
#
_entry.id   9G10
#
_cell.length_a   1.00
_cell.length_b   1.00
_cell.length_c   1.00
_cell.angle_alpha   90.00
_cell.angle_beta   90.00
_cell.angle_gamma   90.00
#
_symmetry.space_group_name_H-M   'P 1'
#
loop_
_entity.id
_entity.type
_entity.pdbx_description
1 polymer 'Auxin efflux carrier component 8'
2 non-polymer '2-(4-chloranylphenoxy)ethanoic acid'
3 non-polymer 'DIMETHYL SULFOXIDE'
4 non-polymer 1,2-DILINOLEOYL-SN-GLYCERO-3-PHOSPHOCHOLINE
5 water water
#
_entity_poly.entity_id   1
_entity_poly.type   'polypeptide(L)'
_entity_poly.pdbx_seq_one_letter_code
;MGISWLDIYHVVSATVPLYVSMTLGFLSARHLKLFSPEQCAGINKFVAKFSIPLLSFQIISENNPFKMSPKLILSDILQK
FLVVVVLAMVLRFWHPTGGRGGKLGWVITGLSISVLPNTLILGMPILSAIYGDEAASILEQIVVLQSLIWYTILLFLFEL
NAARALPSSGASLEHTGNDQEEANIEDEPKEEEDEEEVAIVRTRSVGTMKILLKAWRKLIINPNTYATLIGIIWATLHFR
LGWNLPEMIDKSIHLLSDGGLGMAMFSLGLFMASQSSIIACGTKMAIITMLLKFVLGPALMIASAYCIRLKSTLFKVAIL
QAALPQGVVPFVFAKEYNLHPEIISTGVIFGMLIALPTTLAYYFLLDLPGENLYFQ
;
_entity_poly.pdbx_strand_id   A,B
#
# COMPACT_ATOMS: atom_id res chain seq x y z
N MET A 1 -21.96 -4.18 -32.41
CA MET A 1 -22.19 -3.51 -33.72
C MET A 1 -21.43 -2.20 -33.80
N GLY A 2 -21.93 -1.17 -33.13
CA GLY A 2 -21.33 0.14 -33.14
C GLY A 2 -20.37 0.42 -32.01
N ILE A 3 -20.09 -0.56 -31.15
CA ILE A 3 -19.18 -0.33 -30.03
C ILE A 3 -17.78 -0.06 -30.56
N SER A 4 -17.18 1.04 -30.11
CA SER A 4 -15.86 1.44 -30.56
C SER A 4 -14.79 0.73 -29.72
N TRP A 5 -13.61 0.57 -30.33
CA TRP A 5 -12.50 -0.05 -29.62
C TRP A 5 -12.03 0.78 -28.44
N LEU A 6 -12.42 2.06 -28.38
CA LEU A 6 -12.02 2.89 -27.25
C LEU A 6 -12.55 2.34 -25.94
N ASP A 7 -13.79 1.87 -25.94
CA ASP A 7 -14.35 1.24 -24.74
C ASP A 7 -13.56 -0.01 -24.37
N ILE A 8 -13.19 -0.82 -25.37
CA ILE A 8 -12.35 -1.98 -25.12
C ILE A 8 -11.05 -1.56 -24.46
N TYR A 9 -10.46 -0.46 -24.93
CA TYR A 9 -9.22 0.01 -24.32
C TYR A 9 -9.45 0.42 -22.87
N HIS A 10 -10.57 1.07 -22.57
CA HIS A 10 -10.87 1.44 -21.19
C HIS A 10 -10.97 0.20 -20.31
N VAL A 11 -11.71 -0.81 -20.77
CA VAL A 11 -11.88 -2.02 -19.97
C VAL A 11 -10.53 -2.70 -19.75
N VAL A 12 -9.73 -2.81 -20.81
CA VAL A 12 -8.44 -3.48 -20.68
C VAL A 12 -7.51 -2.70 -19.76
N SER A 13 -7.55 -1.37 -19.82
CA SER A 13 -6.71 -0.58 -18.94
C SER A 13 -7.16 -0.69 -17.49
N ALA A 14 -8.46 -0.83 -17.26
CA ALA A 14 -8.93 -1.04 -15.88
C ALA A 14 -8.58 -2.43 -15.37
N THR A 15 -8.51 -3.41 -16.26
CA THR A 15 -8.29 -4.79 -15.84
C THR A 15 -6.80 -5.10 -15.67
N VAL A 16 -5.94 -4.54 -16.52
CA VAL A 16 -4.54 -4.98 -16.57
C VAL A 16 -3.83 -4.76 -15.23
N PRO A 17 -3.94 -3.61 -14.58
CA PRO A 17 -3.17 -3.41 -13.34
C PRO A 17 -3.36 -4.51 -12.30
N LEU A 18 -4.58 -5.02 -12.17
CA LEU A 18 -4.81 -6.13 -11.26
C LEU A 18 -3.99 -7.34 -11.67
N TYR A 19 -3.93 -7.63 -12.98
CA TYR A 19 -3.14 -8.76 -13.44
C TYR A 19 -1.65 -8.52 -13.24
N VAL A 20 -1.20 -7.27 -13.39
CA VAL A 20 0.21 -6.96 -13.15
C VAL A 20 0.56 -7.27 -11.70
N SER A 21 -0.29 -6.81 -10.77
CA SER A 21 -0.03 -7.09 -9.36
C SER A 21 -0.07 -8.59 -9.08
N MET A 22 -1.06 -9.28 -9.62
CA MET A 22 -1.18 -10.71 -9.36
C MET A 22 0.03 -11.47 -9.90
N THR A 23 0.48 -11.13 -11.10
CA THR A 23 1.64 -11.81 -11.67
C THR A 23 2.90 -11.48 -10.90
N LEU A 24 3.04 -10.24 -10.42
CA LEU A 24 4.19 -9.92 -9.58
C LEU A 24 4.20 -10.79 -8.33
N GLY A 25 3.04 -10.94 -7.68
CA GLY A 25 2.99 -11.82 -6.52
C GLY A 25 3.32 -13.25 -6.86
N PHE A 26 2.76 -13.77 -7.96
CA PHE A 26 3.02 -15.15 -8.34
C PHE A 26 4.50 -15.38 -8.62
N LEU A 27 5.14 -14.45 -9.34
CA LEU A 27 6.57 -14.58 -9.58
C LEU A 27 7.35 -14.53 -8.28
N SER A 28 7.01 -13.60 -7.39
CA SER A 28 7.72 -13.47 -6.13
C SER A 28 7.59 -14.72 -5.28
N ALA A 29 6.49 -15.45 -5.45
CA ALA A 29 6.27 -16.65 -4.63
C ALA A 29 6.83 -17.92 -5.27
N ARG A 30 6.90 -18.00 -6.61
CA ARG A 30 7.26 -19.24 -7.27
C ARG A 30 8.61 -19.17 -7.98
N HIS A 31 8.79 -18.24 -8.91
CA HIS A 31 10.07 -18.15 -9.61
C HIS A 31 11.15 -17.62 -8.68
N LEU A 32 10.84 -16.59 -7.89
CA LEU A 32 11.66 -16.22 -6.76
C LEU A 32 11.17 -16.98 -5.54
N LYS A 33 11.85 -16.80 -4.41
CA LYS A 33 11.49 -17.48 -3.16
C LYS A 33 11.51 -16.49 -2.01
N LEU A 34 10.88 -15.33 -2.22
CA LEU A 34 10.92 -14.26 -1.22
C LEU A 34 10.07 -14.61 0.00
N PHE A 35 8.86 -15.10 -0.23
CA PHE A 35 7.85 -15.23 0.83
C PHE A 35 7.59 -16.69 1.14
N SER A 36 7.64 -17.03 2.42
CA SER A 36 7.22 -18.32 2.93
C SER A 36 5.74 -18.31 3.23
N PRO A 37 5.12 -19.46 3.45
CA PRO A 37 3.66 -19.47 3.68
C PRO A 37 3.23 -18.59 4.84
N GLU A 38 4.02 -18.54 5.92
CA GLU A 38 3.66 -17.70 7.05
C GLU A 38 3.68 -16.23 6.67
N GLN A 39 4.67 -15.81 5.89
CA GLN A 39 4.74 -14.41 5.46
C GLN A 39 3.58 -14.06 4.53
N CYS A 40 3.21 -14.98 3.64
CA CYS A 40 2.05 -14.74 2.79
C CYS A 40 0.78 -14.62 3.63
N ALA A 41 0.65 -15.47 4.64
CA ALA A 41 -0.49 -15.37 5.54
C ALA A 41 -0.50 -14.02 6.26
N GLY A 42 0.67 -13.54 6.67
CA GLY A 42 0.75 -12.25 7.32
C GLY A 42 0.33 -11.10 6.41
N ILE A 43 0.78 -11.14 5.15
CA ILE A 43 0.36 -10.13 4.20
C ILE A 43 -1.15 -10.17 4.01
N ASN A 44 -1.71 -11.37 3.87
CA ASN A 44 -3.15 -11.49 3.67
C ASN A 44 -3.91 -10.97 4.89
N LYS A 45 -3.43 -11.29 6.09
CA LYS A 45 -4.08 -10.81 7.31
C LYS A 45 -4.03 -9.30 7.39
N PHE A 46 -2.89 -8.70 7.05
CA PHE A 46 -2.80 -7.25 7.04
C PHE A 46 -3.82 -6.65 6.07
N VAL A 47 -3.92 -7.24 4.87
CA VAL A 47 -4.87 -6.72 3.89
C VAL A 47 -6.30 -6.86 4.39
N ALA A 48 -6.59 -7.94 5.11
CA ALA A 48 -7.95 -8.20 5.58
C ALA A 48 -8.29 -7.44 6.85
N LYS A 49 -7.31 -6.87 7.55
CA LYS A 49 -7.55 -6.18 8.80
C LYS A 49 -7.32 -4.67 8.74
N PHE A 50 -6.52 -4.20 7.79
CA PHE A 50 -6.16 -2.79 7.71
C PHE A 50 -6.62 -2.10 6.44
N SER A 51 -6.52 -2.77 5.29
CA SER A 51 -6.82 -2.13 4.02
C SER A 51 -8.30 -2.26 3.64
N ILE A 52 -8.84 -3.47 3.65
CA ILE A 52 -10.24 -3.65 3.30
C ILE A 52 -11.18 -2.89 4.23
N PRO A 53 -11.02 -2.96 5.56
CA PRO A 53 -11.92 -2.17 6.42
C PRO A 53 -11.83 -0.68 6.19
N LEU A 54 -10.62 -0.14 5.95
CA LEU A 54 -10.50 1.29 5.68
C LEU A 54 -11.17 1.65 4.37
N LEU A 55 -11.01 0.83 3.33
CA LEU A 55 -11.68 1.09 2.08
C LEU A 55 -13.19 1.02 2.25
N SER A 56 -13.67 0.08 3.06
CA SER A 56 -15.09 0.02 3.34
C SER A 56 -15.58 1.29 4.02
N PHE A 57 -14.81 1.78 5.00
CA PHE A 57 -15.21 3.01 5.68
C PHE A 57 -15.27 4.17 4.70
N GLN A 58 -14.26 4.30 3.84
CA GLN A 58 -14.26 5.39 2.87
C GLN A 58 -15.48 5.30 1.96
N ILE A 59 -15.75 4.10 1.44
CA ILE A 59 -16.87 3.93 0.51
C ILE A 59 -18.18 4.29 1.19
N ILE A 60 -18.38 3.83 2.43
CA ILE A 60 -19.64 4.09 3.12
C ILE A 60 -19.77 5.58 3.44
N SER A 61 -18.68 6.21 3.89
CA SER A 61 -18.76 7.59 4.36
C SER A 61 -18.75 8.61 3.23
N GLU A 62 -18.42 8.21 2.01
CA GLU A 62 -18.42 9.14 0.89
C GLU A 62 -19.73 9.11 0.10
N ASN A 63 -20.73 8.36 0.57
CA ASN A 63 -22.02 8.24 -0.11
C ASN A 63 -23.14 8.67 0.81
N ASN A 64 -24.09 9.41 0.25
CA ASN A 64 -25.26 9.86 1.00
C ASN A 64 -26.21 8.69 1.23
N PRO A 65 -26.59 8.39 2.47
CA PRO A 65 -27.57 7.31 2.70
C PRO A 65 -29.00 7.72 2.43
N PHE A 66 -29.29 9.01 2.31
CA PHE A 66 -30.64 9.50 2.06
C PHE A 66 -30.94 9.66 0.57
N LYS A 67 -29.97 9.42 -0.30
CA LYS A 67 -30.14 9.54 -1.74
C LYS A 67 -29.85 8.22 -2.43
N MET A 68 -30.26 7.11 -1.80
CA MET A 68 -30.14 5.78 -2.37
C MET A 68 -31.53 5.28 -2.75
N SER A 69 -31.68 4.82 -3.98
CA SER A 69 -33.00 4.39 -4.45
C SER A 69 -33.44 3.15 -3.71
N PRO A 70 -34.58 3.17 -3.01
CA PRO A 70 -35.00 1.96 -2.27
C PRO A 70 -35.26 0.77 -3.17
N LYS A 71 -35.69 1.00 -4.42
CA LYS A 71 -35.96 -0.11 -5.31
C LYS A 71 -34.71 -0.93 -5.57
N LEU A 72 -33.57 -0.27 -5.77
CA LEU A 72 -32.33 -0.99 -6.00
C LEU A 72 -31.93 -1.81 -4.78
N ILE A 73 -32.09 -1.24 -3.58
CA ILE A 73 -31.75 -1.97 -2.36
C ILE A 73 -32.63 -3.21 -2.26
N LEU A 74 -33.93 -3.05 -2.50
CA LEU A 74 -34.83 -4.18 -2.40
C LEU A 74 -34.50 -5.25 -3.43
N SER A 75 -34.16 -4.84 -4.65
CA SER A 75 -33.80 -5.81 -5.68
C SER A 75 -32.52 -6.56 -5.31
N ASP A 76 -31.54 -5.84 -4.76
CA ASP A 76 -30.30 -6.51 -4.34
C ASP A 76 -30.58 -7.53 -3.24
N ILE A 77 -31.38 -7.15 -2.25
CA ILE A 77 -31.72 -8.08 -1.17
C ILE A 77 -32.49 -9.27 -1.73
N LEU A 78 -33.39 -9.02 -2.69
CA LEU A 78 -34.14 -10.12 -3.28
C LEU A 78 -33.23 -11.06 -4.05
N GLN A 79 -32.25 -10.53 -4.79
CA GLN A 79 -31.30 -11.38 -5.48
C GLN A 79 -30.53 -12.25 -4.49
N LYS A 80 -30.04 -11.65 -3.41
CA LYS A 80 -29.29 -12.42 -2.43
C LYS A 80 -30.17 -13.50 -1.80
N PHE A 81 -31.41 -13.16 -1.46
CA PHE A 81 -32.31 -14.15 -0.87
C PHE A 81 -32.60 -15.29 -1.83
N LEU A 82 -32.85 -14.97 -3.10
CA LEU A 82 -33.11 -16.00 -4.09
C LEU A 82 -31.90 -16.91 -4.29
N VAL A 83 -30.70 -16.32 -4.32
CA VAL A 83 -29.50 -17.14 -4.48
C VAL A 83 -29.31 -18.04 -3.27
N VAL A 84 -29.54 -17.52 -2.07
CA VAL A 84 -29.41 -18.35 -0.87
C VAL A 84 -30.39 -19.53 -0.94
N VAL A 85 -31.64 -19.24 -1.30
CA VAL A 85 -32.64 -20.31 -1.38
C VAL A 85 -32.25 -21.34 -2.43
N VAL A 86 -31.79 -20.89 -3.60
CA VAL A 86 -31.44 -21.80 -4.67
C VAL A 86 -30.27 -22.69 -4.26
N LEU A 87 -29.25 -22.10 -3.63
CA LEU A 87 -28.10 -22.90 -3.21
C LEU A 87 -28.47 -23.86 -2.10
N ALA A 88 -29.34 -23.45 -1.17
CA ALA A 88 -29.80 -24.39 -0.15
C ALA A 88 -30.55 -25.56 -0.77
N MET A 89 -31.39 -25.28 -1.77
CA MET A 89 -32.09 -26.36 -2.46
C MET A 89 -31.13 -27.29 -3.17
N VAL A 90 -30.13 -26.72 -3.86
CA VAL A 90 -29.18 -27.55 -4.60
C VAL A 90 -28.38 -28.43 -3.64
N LEU A 91 -27.91 -27.85 -2.53
CA LEU A 91 -27.12 -28.61 -1.57
C LEU A 91 -27.95 -29.58 -0.75
N ARG A 92 -29.27 -29.59 -0.92
CA ARG A 92 -30.13 -30.50 -0.16
C ARG A 92 -30.19 -31.89 -0.77
N PHE A 93 -29.96 -32.02 -2.08
CA PHE A 93 -30.00 -33.34 -2.72
C PHE A 93 -28.90 -33.55 -3.74
N TRP A 94 -27.98 -32.60 -3.94
CA TRP A 94 -26.89 -32.76 -4.90
C TRP A 94 -25.59 -32.27 -4.27
N HIS A 95 -25.34 -32.64 -3.03
CA HIS A 95 -24.15 -32.20 -2.31
C HIS A 95 -22.88 -32.49 -3.11
N GLY A 101 -19.69 -32.60 2.41
CA GLY A 101 -19.17 -32.48 3.76
C GLY A 101 -19.94 -31.47 4.59
N GLY A 102 -19.41 -30.25 4.67
CA GLY A 102 -20.07 -29.19 5.41
C GLY A 102 -20.97 -28.34 4.54
N LYS A 103 -22.29 -28.45 4.75
CA LYS A 103 -23.22 -27.68 3.93
C LYS A 103 -23.00 -26.18 4.10
N LEU A 104 -22.81 -25.72 5.35
CA LEU A 104 -22.58 -24.31 5.57
C LEU A 104 -21.26 -23.85 4.96
N GLY A 105 -20.27 -24.74 4.88
CA GLY A 105 -19.02 -24.39 4.24
C GLY A 105 -19.10 -24.23 2.75
N TRP A 106 -20.18 -24.71 2.13
CA TRP A 106 -20.39 -24.51 0.70
C TRP A 106 -21.32 -23.36 0.37
N VAL A 107 -22.27 -23.03 1.26
CA VAL A 107 -23.09 -21.85 1.04
C VAL A 107 -22.26 -20.57 1.07
N ILE A 108 -21.27 -20.49 1.97
CA ILE A 108 -20.42 -19.31 2.02
C ILE A 108 -19.65 -19.14 0.71
N THR A 109 -19.15 -20.24 0.14
CA THR A 109 -18.40 -20.18 -1.10
C THR A 109 -19.31 -20.07 -2.33
N GLY A 110 -20.59 -20.37 -2.19
CA GLY A 110 -21.52 -20.19 -3.29
C GLY A 110 -22.11 -18.80 -3.31
N LEU A 111 -22.13 -18.13 -2.16
CA LEU A 111 -22.53 -16.74 -2.06
C LEU A 111 -21.34 -15.80 -2.20
N SER A 112 -20.14 -16.33 -2.35
CA SER A 112 -18.95 -15.52 -2.55
C SER A 112 -18.51 -15.43 -3.99
N ILE A 113 -19.11 -16.21 -4.89
CA ILE A 113 -18.73 -16.22 -6.30
C ILE A 113 -19.96 -16.10 -7.17
N SER A 114 -21.10 -15.75 -6.58
CA SER A 114 -22.34 -15.66 -7.34
C SER A 114 -23.08 -14.35 -7.08
N VAL A 115 -22.88 -13.75 -5.92
CA VAL A 115 -23.62 -12.55 -5.54
C VAL A 115 -22.69 -11.46 -5.02
N LEU A 116 -21.40 -11.54 -5.36
CA LEU A 116 -20.43 -10.53 -4.96
C LEU A 116 -19.56 -10.20 -6.16
N PRO A 117 -20.08 -9.41 -7.11
CA PRO A 117 -19.27 -8.99 -8.25
C PRO A 117 -18.18 -8.02 -7.85
N ASN A 118 -17.41 -7.55 -8.82
CA ASN A 118 -16.39 -6.53 -8.61
C ASN A 118 -16.94 -5.23 -9.20
N THR A 119 -17.72 -4.50 -8.40
CA THR A 119 -18.41 -3.29 -8.84
C THR A 119 -17.63 -2.03 -8.46
N LEU A 120 -16.41 -2.17 -7.98
CA LEU A 120 -15.61 -1.01 -7.57
C LEU A 120 -14.39 -0.77 -8.43
N ILE A 121 -13.92 -1.77 -9.17
CA ILE A 121 -12.72 -1.60 -10.01
C ILE A 121 -13.08 -1.90 -11.46
N LEU A 122 -13.55 -3.11 -11.73
CA LEU A 122 -13.95 -3.46 -13.09
C LEU A 122 -15.34 -2.93 -13.42
N GLY A 123 -16.24 -2.93 -12.45
CA GLY A 123 -17.62 -2.58 -12.69
C GLY A 123 -17.84 -1.13 -13.10
N MET A 124 -17.29 -0.19 -12.34
CA MET A 124 -17.54 1.22 -12.64
C MET A 124 -16.98 1.63 -13.99
N PRO A 125 -15.69 1.41 -14.30
CA PRO A 125 -15.21 1.75 -15.64
C PRO A 125 -15.97 1.05 -16.76
N ILE A 126 -16.09 -0.28 -16.68
CA ILE A 126 -16.74 -1.05 -17.74
C ILE A 126 -18.14 -0.49 -18.02
N LEU A 127 -19.00 -0.53 -17.01
CA LEU A 127 -20.41 -0.23 -17.18
C LEU A 127 -20.72 1.27 -17.11
N SER A 128 -19.70 2.10 -16.85
CA SER A 128 -19.85 3.54 -17.00
C SER A 128 -19.39 4.02 -18.37
N ALA A 129 -18.51 3.27 -19.03
CA ALA A 129 -18.20 3.51 -20.44
C ALA A 129 -19.22 2.91 -21.38
N ILE A 130 -19.77 1.73 -21.05
CA ILE A 130 -20.80 1.14 -21.88
C ILE A 130 -22.05 2.03 -21.89
N TYR A 131 -22.50 2.44 -20.71
CA TYR A 131 -23.60 3.36 -20.57
C TYR A 131 -23.07 4.75 -20.24
N GLY A 132 -23.96 5.69 -19.93
CA GLY A 132 -23.58 7.02 -19.56
C GLY A 132 -23.07 7.11 -18.13
N ASP A 133 -22.63 8.32 -17.77
CA ASP A 133 -22.11 8.56 -16.43
C ASP A 133 -23.18 8.45 -15.35
N GLU A 134 -24.46 8.43 -15.73
CA GLU A 134 -25.52 8.32 -14.74
C GLU A 134 -25.43 7.02 -13.96
N ALA A 135 -24.91 5.95 -14.57
CA ALA A 135 -24.80 4.67 -13.88
C ALA A 135 -23.76 4.68 -12.76
N ALA A 136 -22.93 5.72 -12.69
CA ALA A 136 -21.94 5.80 -11.63
C ALA A 136 -22.61 5.85 -10.26
N SER A 137 -23.67 6.64 -10.13
CA SER A 137 -24.38 6.72 -8.86
C SER A 137 -24.99 5.38 -8.48
N ILE A 138 -25.57 4.67 -9.45
CA ILE A 138 -26.21 3.38 -9.15
C ILE A 138 -25.15 2.38 -8.72
N LEU A 139 -24.01 2.34 -9.43
CA LEU A 139 -22.95 1.41 -9.04
C LEU A 139 -22.39 1.76 -7.68
N GLU A 140 -22.27 3.05 -7.36
CA GLU A 140 -21.82 3.44 -6.04
C GLU A 140 -22.81 2.97 -4.97
N GLN A 141 -24.11 3.08 -5.26
CA GLN A 141 -25.11 2.57 -4.33
C GLN A 141 -24.93 1.08 -4.12
N ILE A 142 -24.70 0.33 -5.19
CA ILE A 142 -24.51 -1.11 -5.06
C ILE A 142 -23.27 -1.42 -4.23
N VAL A 143 -22.19 -0.69 -4.48
CA VAL A 143 -20.95 -0.95 -3.75
C VAL A 143 -21.11 -0.66 -2.26
N VAL A 144 -21.77 0.45 -1.92
CA VAL A 144 -21.97 0.76 -0.52
C VAL A 144 -22.90 -0.27 0.12
N LEU A 145 -23.90 -0.74 -0.63
CA LEU A 145 -24.76 -1.79 -0.11
C LEU A 145 -23.95 -3.05 0.20
N GLN A 146 -23.07 -3.44 -0.72
CA GLN A 146 -22.20 -4.58 -0.46
C GLN A 146 -21.40 -4.36 0.81
N SER A 147 -20.56 -3.33 0.83
CA SER A 147 -19.66 -3.11 1.96
C SER A 147 -20.39 -2.87 3.26
N LEU A 148 -21.67 -2.50 3.21
CA LEU A 148 -22.42 -2.18 4.42
C LEU A 148 -23.17 -3.38 4.98
N ILE A 149 -23.74 -4.22 4.12
CA ILE A 149 -24.58 -5.34 4.54
C ILE A 149 -23.94 -6.68 4.25
N TRP A 150 -23.53 -6.89 2.99
CA TRP A 150 -23.16 -8.23 2.57
C TRP A 150 -21.77 -8.62 3.07
N TYR A 151 -20.82 -7.69 3.08
CA TYR A 151 -19.51 -8.01 3.62
C TYR A 151 -19.51 -8.15 5.13
N THR A 152 -20.60 -7.78 5.80
CA THR A 152 -20.77 -8.09 7.21
C THR A 152 -21.47 -9.42 7.41
N ILE A 153 -22.50 -9.71 6.61
CA ILE A 153 -23.18 -10.98 6.71
C ILE A 153 -22.24 -12.13 6.34
N LEU A 154 -21.39 -11.90 5.34
CA LEU A 154 -20.43 -12.93 4.93
C LEU A 154 -19.45 -13.22 6.06
N LEU A 155 -18.94 -12.19 6.72
CA LEU A 155 -18.02 -12.44 7.83
C LEU A 155 -18.74 -13.10 9.00
N PHE A 156 -20.00 -12.75 9.23
CA PHE A 156 -20.76 -13.45 10.25
C PHE A 156 -20.88 -14.94 9.92
N LEU A 157 -21.15 -15.26 8.66
CA LEU A 157 -21.22 -16.66 8.26
C LEU A 157 -19.87 -17.35 8.41
N PHE A 158 -18.79 -16.65 8.07
CA PHE A 158 -17.46 -17.23 8.22
C PHE A 158 -17.17 -17.56 9.67
N GLU A 159 -17.48 -16.63 10.57
CA GLU A 159 -17.21 -16.86 11.99
C GLU A 159 -18.13 -17.94 12.55
N LEU A 160 -19.37 -18.00 12.09
CA LEU A 160 -20.26 -19.08 12.49
C LEU A 160 -19.70 -20.43 12.05
N ASN A 161 -19.20 -20.50 10.83
CA ASN A 161 -18.59 -21.74 10.35
C ASN A 161 -17.36 -22.11 11.17
N ALA A 162 -16.53 -21.12 11.51
CA ALA A 162 -15.36 -21.40 12.32
C ALA A 162 -15.76 -21.92 13.69
N ALA A 163 -16.81 -21.35 14.28
CA ALA A 163 -17.27 -21.82 15.59
C ALA A 163 -17.72 -23.27 15.54
N ARG A 164 -18.42 -23.65 14.47
CA ARG A 164 -18.88 -25.04 14.35
C ARG A 164 -17.71 -26.00 14.33
N ALA A 165 -16.65 -25.67 13.60
CA ALA A 165 -15.47 -26.52 13.52
C ALA A 165 -14.86 -26.73 14.90
N GLY A 207 -26.90 -27.12 21.10
CA GLY A 207 -25.94 -26.08 21.43
C GLY A 207 -25.94 -24.94 20.42
N THR A 208 -27.12 -24.66 19.87
CA THR A 208 -27.22 -23.57 18.88
C THR A 208 -26.89 -22.22 19.51
N MET A 209 -27.33 -21.99 20.74
CA MET A 209 -27.10 -20.70 21.38
C MET A 209 -25.60 -20.45 21.57
N LYS A 210 -24.85 -21.47 21.97
CA LYS A 210 -23.42 -21.29 22.19
C LYS A 210 -22.70 -20.90 20.91
N ILE A 211 -23.04 -21.57 19.80
CA ILE A 211 -22.37 -21.27 18.53
C ILE A 211 -22.68 -19.86 18.07
N LEU A 212 -23.94 -19.45 18.14
CA LEU A 212 -24.31 -18.10 17.75
C LEU A 212 -23.64 -17.06 18.65
N LEU A 213 -23.56 -17.35 19.96
CA LEU A 213 -22.88 -16.43 20.86
C LEU A 213 -21.42 -16.30 20.50
N LYS A 214 -20.75 -17.42 20.19
CA LYS A 214 -19.35 -17.35 19.78
C LYS A 214 -19.19 -16.55 18.50
N ALA A 215 -20.08 -16.78 17.53
CA ALA A 215 -19.99 -16.03 16.28
C ALA A 215 -20.16 -14.54 16.52
N TRP A 216 -21.14 -14.15 17.33
CA TRP A 216 -21.36 -12.74 17.60
C TRP A 216 -20.20 -12.13 18.38
N ARG A 217 -19.67 -12.84 19.37
CA ARG A 217 -18.55 -12.32 20.13
C ARG A 217 -17.27 -12.22 19.31
N LYS A 218 -17.15 -13.02 18.24
CA LYS A 218 -16.03 -12.88 17.33
C LYS A 218 -16.30 -11.88 16.22
N LEU A 219 -17.55 -11.49 16.01
CA LEU A 219 -17.91 -10.49 15.01
C LEU A 219 -17.85 -9.06 15.55
N ILE A 220 -17.68 -8.90 16.88
CA ILE A 220 -17.65 -7.58 17.48
C ILE A 220 -16.24 -7.06 17.69
N ILE A 221 -15.23 -7.88 17.41
CA ILE A 221 -13.84 -7.46 17.55
C ILE A 221 -13.14 -7.60 16.20
N ASN A 222 -13.92 -7.46 15.12
CA ASN A 222 -13.39 -7.55 13.76
C ASN A 222 -13.43 -6.17 13.13
N PRO A 223 -12.32 -5.65 12.60
CA PRO A 223 -12.37 -4.29 12.03
C PRO A 223 -13.44 -4.12 10.96
N ASN A 224 -13.69 -5.15 10.17
CA ASN A 224 -14.66 -5.03 9.09
C ASN A 224 -16.10 -4.93 9.58
N THR A 225 -16.34 -5.06 10.89
CA THR A 225 -17.65 -4.84 11.46
C THR A 225 -17.79 -3.49 12.14
N TYR A 226 -16.77 -3.03 12.85
CA TYR A 226 -16.77 -1.69 13.43
C TYR A 226 -16.62 -0.61 12.37
N ALA A 227 -15.85 -0.87 11.32
CA ALA A 227 -15.68 0.10 10.25
C ALA A 227 -16.97 0.36 9.49
N THR A 228 -17.74 -0.69 9.17
CA THR A 228 -18.99 -0.50 8.45
C THR A 228 -20.07 0.17 9.31
N LEU A 229 -19.87 0.23 10.62
CA LEU A 229 -20.76 0.97 11.51
C LEU A 229 -20.33 2.43 11.67
N ILE A 230 -19.05 2.65 11.93
CA ILE A 230 -18.54 4.01 12.04
C ILE A 230 -18.71 4.75 10.73
N GLY A 231 -18.48 4.06 9.60
CA GLY A 231 -18.63 4.72 8.32
C GLY A 231 -20.05 5.17 8.05
N ILE A 232 -21.02 4.31 8.35
CA ILE A 232 -22.42 4.69 8.11
C ILE A 232 -22.84 5.80 9.07
N ILE A 233 -22.41 5.74 10.33
CA ILE A 233 -22.74 6.79 11.27
C ILE A 233 -22.17 8.12 10.79
N TRP A 234 -20.91 8.12 10.36
CA TRP A 234 -20.30 9.35 9.89
C TRP A 234 -20.93 9.83 8.59
N ALA A 235 -21.34 8.91 7.71
CA ALA A 235 -22.03 9.31 6.50
C ALA A 235 -23.31 10.04 6.83
N THR A 236 -24.09 9.48 7.75
CA THR A 236 -25.33 10.14 8.16
C THR A 236 -25.03 11.51 8.75
N LEU A 237 -24.03 11.59 9.63
CA LEU A 237 -23.70 12.87 10.26
C LEU A 237 -23.29 13.90 9.22
N HIS A 238 -22.40 13.51 8.31
CA HIS A 238 -21.88 14.45 7.32
C HIS A 238 -22.98 14.91 6.37
N PHE A 239 -23.86 14.01 5.94
CA PHE A 239 -24.85 14.34 4.94
C PHE A 239 -26.14 14.91 5.52
N ARG A 240 -26.32 14.89 6.84
CA ARG A 240 -27.48 15.52 7.44
C ARG A 240 -27.14 16.68 8.37
N LEU A 241 -25.86 16.94 8.63
CA LEU A 241 -25.46 18.05 9.49
C LEU A 241 -24.29 18.84 8.94
N GLY A 242 -23.72 18.47 7.80
CA GLY A 242 -22.64 19.20 7.18
C GLY A 242 -21.27 18.95 7.77
N TRP A 243 -21.14 18.06 8.75
CA TRP A 243 -19.84 17.80 9.34
C TRP A 243 -18.89 17.28 8.29
N ASN A 244 -17.65 17.79 8.31
CA ASN A 244 -16.61 17.39 7.37
C ASN A 244 -15.47 16.71 8.13
N LEU A 245 -14.99 15.61 7.58
CA LEU A 245 -13.92 14.87 8.21
C LEU A 245 -12.65 15.71 8.24
N PRO A 246 -11.95 15.80 9.37
CA PRO A 246 -10.72 16.61 9.42
C PRO A 246 -9.69 16.10 8.43
N GLU A 247 -8.86 17.03 7.95
CA GLU A 247 -7.87 16.68 6.93
C GLU A 247 -6.88 15.65 7.44
N MET A 248 -6.45 15.77 8.70
CA MET A 248 -5.46 14.85 9.23
C MET A 248 -5.98 13.42 9.21
N ILE A 249 -7.22 13.21 9.69
CA ILE A 249 -7.77 11.86 9.72
C ILE A 249 -7.98 11.33 8.32
N ASP A 250 -8.46 12.17 7.40
CA ASP A 250 -8.65 11.73 6.03
C ASP A 250 -7.34 11.28 5.40
N LYS A 251 -6.28 12.06 5.59
CA LYS A 251 -4.99 11.69 5.01
C LYS A 251 -4.43 10.44 5.67
N SER A 252 -4.62 10.29 6.98
CA SER A 252 -4.14 9.10 7.66
C SER A 252 -4.87 7.85 7.19
N ILE A 253 -6.17 7.98 6.88
CA ILE A 253 -6.91 6.84 6.33
C ILE A 253 -6.46 6.55 4.90
N HIS A 254 -6.18 7.59 4.12
CA HIS A 254 -5.70 7.39 2.76
C HIS A 254 -4.35 6.67 2.75
N LEU A 255 -3.45 7.04 3.67
CA LEU A 255 -2.11 6.46 3.66
C LEU A 255 -2.16 4.94 3.74
N LEU A 256 -3.13 4.38 4.44
CA LEU A 256 -3.26 2.93 4.58
C LEU A 256 -4.19 2.32 3.54
N SER A 257 -5.39 2.88 3.35
CA SER A 257 -6.34 2.30 2.42
C SER A 257 -5.79 2.31 1.00
N ASP A 258 -5.13 3.39 0.61
CA ASP A 258 -4.55 3.47 -0.73
C ASP A 258 -3.59 2.32 -0.94
N GLY A 259 -3.63 1.74 -2.14
CA GLY A 259 -2.80 0.58 -2.44
C GLY A 259 -3.30 -0.71 -1.85
N GLY A 260 -4.48 -0.71 -1.23
CA GLY A 260 -5.03 -1.95 -0.69
C GLY A 260 -5.32 -2.96 -1.79
N LEU A 261 -5.84 -2.49 -2.93
CA LEU A 261 -6.15 -3.41 -4.02
C LEU A 261 -4.88 -4.06 -4.56
N GLY A 262 -3.82 -3.27 -4.73
CA GLY A 262 -2.57 -3.84 -5.22
C GLY A 262 -2.02 -4.91 -4.29
N MET A 263 -2.07 -4.65 -2.99
CA MET A 263 -1.55 -5.63 -2.03
C MET A 263 -2.46 -6.85 -1.96
N ALA A 264 -3.77 -6.67 -2.09
CA ALA A 264 -4.69 -7.80 -2.10
C ALA A 264 -4.45 -8.69 -3.32
N MET A 265 -4.26 -8.09 -4.49
CA MET A 265 -3.96 -8.87 -5.67
C MET A 265 -2.58 -9.52 -5.57
N PHE A 266 -1.63 -8.85 -4.92
CA PHE A 266 -0.35 -9.49 -4.64
C PHE A 266 -0.53 -10.73 -3.77
N SER A 267 -1.39 -10.63 -2.76
CA SER A 267 -1.69 -11.79 -1.93
C SER A 267 -2.34 -12.90 -2.75
N LEU A 268 -3.24 -12.54 -3.65
CA LEU A 268 -3.86 -13.54 -4.52
C LEU A 268 -2.82 -14.24 -5.37
N GLY A 269 -1.87 -13.48 -5.93
CA GLY A 269 -0.80 -14.10 -6.70
C GLY A 269 0.06 -15.01 -5.84
N LEU A 270 0.40 -14.55 -4.63
CA LEU A 270 1.19 -15.38 -3.72
C LEU A 270 0.49 -16.68 -3.42
N PHE A 271 -0.81 -16.62 -3.14
CA PHE A 271 -1.56 -17.85 -2.87
C PHE A 271 -1.58 -18.75 -4.10
N MET A 272 -1.94 -18.21 -5.25
CA MET A 272 -2.03 -19.03 -6.45
C MET A 272 -0.69 -19.67 -6.78
N ALA A 273 0.41 -19.05 -6.34
CA ALA A 273 1.72 -19.68 -6.53
C ALA A 273 1.80 -21.01 -5.81
N SER A 274 1.15 -21.13 -4.65
CA SER A 274 1.21 -22.37 -3.89
C SER A 274 0.56 -23.51 -4.65
N GLN A 275 -0.57 -23.26 -5.30
CA GLN A 275 -1.30 -24.32 -5.98
C GLN A 275 -0.47 -24.89 -7.13
N SER A 276 -0.68 -26.18 -7.40
CA SER A 276 0.12 -26.85 -8.43
C SER A 276 -0.09 -26.22 -9.80
N SER A 277 -1.34 -25.92 -10.14
CA SER A 277 -1.68 -25.35 -11.44
C SER A 277 -2.63 -24.18 -11.24
N ILE A 278 -2.79 -23.38 -12.29
CA ILE A 278 -3.69 -22.23 -12.21
C ILE A 278 -5.10 -22.68 -11.88
N ILE A 279 -5.55 -23.78 -12.49
CA ILE A 279 -6.86 -24.34 -12.18
C ILE A 279 -6.64 -25.29 -11.00
N ALA A 280 -6.63 -24.71 -9.81
CA ALA A 280 -6.41 -25.50 -8.60
C ALA A 280 -7.67 -26.28 -8.21
N CYS A 281 -8.85 -25.69 -8.41
CA CYS A 281 -10.09 -26.33 -8.03
C CYS A 281 -10.50 -27.45 -8.98
N GLY A 282 -9.86 -27.59 -10.12
CA GLY A 282 -10.21 -28.61 -11.08
C GLY A 282 -11.08 -28.05 -12.20
N THR A 283 -11.02 -28.71 -13.36
CA THR A 283 -11.77 -28.22 -14.51
C THR A 283 -13.27 -28.21 -14.25
N LYS A 284 -13.78 -29.27 -13.62
CA LYS A 284 -15.21 -29.31 -13.31
C LYS A 284 -15.60 -28.17 -12.36
N MET A 285 -14.78 -27.95 -11.34
CA MET A 285 -15.08 -26.88 -10.39
C MET A 285 -14.92 -25.51 -11.03
N ALA A 286 -13.95 -25.35 -11.93
CA ALA A 286 -13.83 -24.09 -12.65
C ALA A 286 -15.06 -23.82 -13.50
N ILE A 287 -15.56 -24.85 -14.19
CA ILE A 287 -16.75 -24.68 -15.03
C ILE A 287 -17.96 -24.34 -14.16
N ILE A 288 -18.13 -25.03 -13.04
CA ILE A 288 -19.29 -24.77 -12.20
C ILE A 288 -19.18 -23.37 -11.58
N THR A 289 -17.97 -22.93 -11.24
CA THR A 289 -17.81 -21.57 -10.74
C THR A 289 -18.18 -20.54 -11.80
N MET A 290 -17.75 -20.77 -13.05
CA MET A 290 -18.12 -19.86 -14.12
C MET A 290 -19.63 -19.82 -14.30
N LEU A 291 -20.29 -20.98 -14.27
CA LEU A 291 -21.74 -21.00 -14.41
C LEU A 291 -22.41 -20.28 -13.25
N LEU A 292 -21.90 -20.47 -12.03
CA LEU A 292 -22.48 -19.80 -10.88
C LEU A 292 -22.35 -18.29 -10.98
N LYS A 293 -21.21 -17.79 -11.44
CA LYS A 293 -20.97 -16.36 -11.44
C LYS A 293 -21.54 -15.64 -12.66
N PHE A 294 -21.67 -16.32 -13.79
CA PHE A 294 -22.07 -15.67 -15.04
C PHE A 294 -23.40 -16.15 -15.61
N VAL A 295 -24.00 -17.21 -15.05
CA VAL A 295 -25.25 -17.72 -15.58
C VAL A 295 -26.32 -17.76 -14.49
N LEU A 296 -25.90 -17.88 -13.24
CA LEU A 296 -26.82 -17.89 -12.11
C LEU A 296 -26.98 -16.51 -11.48
N GLY A 297 -25.89 -15.79 -11.26
CA GLY A 297 -25.96 -14.47 -10.69
C GLY A 297 -26.84 -13.55 -11.52
N PRO A 298 -26.47 -13.34 -12.78
CA PRO A 298 -27.29 -12.49 -13.65
C PRO A 298 -28.72 -12.99 -13.81
N ALA A 299 -28.93 -14.30 -13.88
CA ALA A 299 -30.28 -14.81 -14.06
C ALA A 299 -31.15 -14.49 -12.86
N LEU A 300 -30.65 -14.76 -11.65
CA LEU A 300 -31.43 -14.47 -10.46
C LEU A 300 -31.58 -12.97 -10.25
N MET A 301 -30.59 -12.17 -10.68
CA MET A 301 -30.76 -10.73 -10.61
C MET A 301 -31.82 -10.23 -11.59
N ILE A 302 -31.91 -10.84 -12.77
CA ILE A 302 -32.98 -10.52 -13.70
C ILE A 302 -34.33 -10.85 -13.09
N ALA A 303 -34.42 -12.02 -12.46
CA ALA A 303 -35.67 -12.39 -11.78
C ALA A 303 -36.02 -11.38 -10.70
N SER A 304 -35.04 -10.96 -9.91
CA SER A 304 -35.30 -9.99 -8.86
C SER A 304 -35.76 -8.66 -9.42
N ALA A 305 -35.11 -8.18 -10.48
CA ALA A 305 -35.51 -6.92 -11.09
C ALA A 305 -36.92 -7.01 -11.64
N TYR A 306 -37.25 -8.12 -12.29
CA TYR A 306 -38.62 -8.30 -12.77
C TYR A 306 -39.61 -8.27 -11.62
N CYS A 307 -39.28 -8.93 -10.51
CA CYS A 307 -40.18 -8.94 -9.35
C CYS A 307 -40.38 -7.52 -8.82
N ILE A 308 -39.30 -6.74 -8.74
CA ILE A 308 -39.37 -5.40 -8.16
C ILE A 308 -39.73 -4.33 -9.18
N ARG A 309 -39.79 -4.67 -10.46
CA ARG A 309 -40.26 -3.80 -11.55
C ARG A 309 -39.28 -2.68 -11.86
N LEU A 310 -37.98 -2.84 -11.60
CA LEU A 310 -37.02 -1.82 -12.01
C LEU A 310 -37.12 -1.58 -13.50
N LYS A 311 -37.10 -0.31 -13.92
CA LYS A 311 -37.18 0.04 -15.33
C LYS A 311 -36.35 1.28 -15.66
N SER A 312 -35.98 1.38 -16.94
CA SER A 312 -35.12 2.44 -17.48
C SER A 312 -33.66 1.99 -17.39
N THR A 313 -32.72 2.93 -17.45
CA THR A 313 -31.32 2.57 -17.35
C THR A 313 -31.02 1.91 -16.01
N LEU A 314 -31.83 2.14 -14.99
CA LEU A 314 -31.62 1.50 -13.71
C LEU A 314 -31.73 -0.01 -13.82
N PHE A 315 -32.68 -0.51 -14.59
CA PHE A 315 -32.81 -1.93 -14.86
C PHE A 315 -31.58 -2.51 -15.55
N LYS A 316 -31.14 -1.89 -16.64
CA LYS A 316 -29.94 -2.31 -17.33
C LYS A 316 -28.69 -2.21 -16.46
N VAL A 317 -28.52 -1.11 -15.74
CA VAL A 317 -27.37 -0.96 -14.85
C VAL A 317 -27.39 -1.95 -13.70
N ALA A 318 -28.57 -2.36 -13.24
CA ALA A 318 -28.69 -3.32 -12.15
C ALA A 318 -28.41 -4.75 -12.61
N ILE A 319 -28.78 -5.09 -13.84
CA ILE A 319 -28.58 -6.46 -14.31
C ILE A 319 -27.19 -6.65 -14.91
N LEU A 320 -26.74 -5.70 -15.73
CA LEU A 320 -25.45 -5.81 -16.39
C LEU A 320 -24.28 -5.69 -15.44
N GLN A 321 -24.52 -5.24 -14.20
CA GLN A 321 -23.47 -5.16 -13.19
C GLN A 321 -23.31 -6.45 -12.39
N ALA A 322 -24.20 -7.42 -12.58
CA ALA A 322 -24.11 -8.70 -11.88
C ALA A 322 -23.34 -9.74 -12.67
N ALA A 323 -22.90 -9.42 -13.89
CA ALA A 323 -22.12 -10.33 -14.71
C ALA A 323 -20.63 -9.97 -14.69
N LEU A 324 -20.23 -9.05 -13.83
CA LEU A 324 -18.83 -8.69 -13.75
C LEU A 324 -18.06 -9.71 -12.92
N PRO A 325 -16.74 -9.81 -13.12
CA PRO A 325 -15.98 -10.81 -12.37
C PRO A 325 -16.08 -10.57 -10.87
N GLN A 326 -16.09 -11.67 -10.12
CA GLN A 326 -16.18 -11.56 -8.67
C GLN A 326 -14.99 -10.80 -8.12
N GLY A 327 -15.22 -10.03 -7.06
CA GLY A 327 -14.16 -9.25 -6.45
C GLY A 327 -13.20 -10.12 -5.66
N VAL A 328 -12.14 -9.48 -5.17
CA VAL A 328 -11.11 -10.20 -4.44
C VAL A 328 -11.39 -10.29 -2.94
N VAL A 329 -12.22 -9.40 -2.40
CA VAL A 329 -12.51 -9.44 -0.96
C VAL A 329 -13.01 -10.80 -0.54
N PRO A 330 -13.91 -11.47 -1.27
CA PRO A 330 -14.27 -12.83 -0.88
C PRO A 330 -13.06 -13.75 -0.79
N PHE A 331 -12.11 -13.62 -1.73
CA PHE A 331 -10.91 -14.44 -1.66
C PHE A 331 -10.06 -14.09 -0.44
N VAL A 332 -9.93 -12.80 -0.14
CA VAL A 332 -9.12 -12.41 1.01
C VAL A 332 -9.69 -13.01 2.28
N PHE A 333 -11.01 -12.92 2.44
CA PHE A 333 -11.65 -13.50 3.62
C PHE A 333 -11.53 -15.02 3.63
N ALA A 334 -11.68 -15.67 2.48
CA ALA A 334 -11.54 -17.12 2.43
C ALA A 334 -10.13 -17.55 2.81
N LYS A 335 -9.12 -16.87 2.27
CA LYS A 335 -7.73 -17.20 2.61
C LYS A 335 -7.47 -16.98 4.10
N GLU A 336 -7.97 -15.87 4.64
CA GLU A 336 -7.78 -15.62 6.07
C GLU A 336 -8.45 -16.70 6.92
N TYR A 337 -9.65 -17.14 6.54
CA TYR A 337 -10.36 -18.18 7.26
C TYR A 337 -10.16 -19.57 6.67
N ASN A 338 -9.37 -19.69 5.60
CA ASN A 338 -9.06 -20.98 4.99
C ASN A 338 -10.32 -21.79 4.74
N LEU A 339 -11.18 -21.26 3.87
CA LEU A 339 -12.44 -21.92 3.48
C LEU A 339 -12.49 -21.97 1.96
N HIS A 340 -11.95 -23.04 1.38
CA HIS A 340 -11.93 -23.25 -0.05
C HIS A 340 -11.39 -22.02 -0.80
N PRO A 341 -10.22 -21.51 -0.41
CA PRO A 341 -9.66 -20.35 -1.13
C PRO A 341 -9.37 -20.63 -2.60
N GLU A 342 -9.02 -21.87 -2.95
CA GLU A 342 -8.62 -22.15 -4.32
C GLU A 342 -9.77 -21.92 -5.30
N ILE A 343 -10.99 -22.28 -4.91
CA ILE A 343 -12.13 -22.11 -5.82
C ILE A 343 -12.32 -20.63 -6.13
N ILE A 344 -12.31 -19.78 -5.10
CA ILE A 344 -12.54 -18.37 -5.30
C ILE A 344 -11.38 -17.75 -6.08
N SER A 345 -10.15 -18.19 -5.81
CA SER A 345 -9.00 -17.67 -6.53
C SER A 345 -9.10 -18.01 -8.02
N THR A 346 -9.45 -19.26 -8.34
CA THR A 346 -9.63 -19.64 -9.73
C THR A 346 -10.74 -18.83 -10.38
N GLY A 347 -11.85 -18.63 -9.66
CA GLY A 347 -12.93 -17.83 -10.20
C GLY A 347 -12.48 -16.42 -10.52
N VAL A 348 -11.73 -15.80 -9.62
CA VAL A 348 -11.26 -14.43 -9.86
C VAL A 348 -10.33 -14.40 -11.07
N ILE A 349 -9.38 -15.34 -11.12
CA ILE A 349 -8.37 -15.31 -12.19
C ILE A 349 -9.04 -15.51 -13.54
N PHE A 350 -9.95 -16.46 -13.65
CA PHE A 350 -10.58 -16.77 -14.93
C PHE A 350 -11.83 -15.92 -15.19
N GLY A 351 -12.19 -15.04 -14.27
CA GLY A 351 -13.23 -14.08 -14.54
C GLY A 351 -12.67 -12.75 -15.00
N MET A 352 -11.50 -12.38 -14.48
CA MET A 352 -10.87 -11.16 -14.95
C MET A 352 -10.42 -11.27 -16.40
N LEU A 353 -10.22 -12.49 -16.91
CA LEU A 353 -9.87 -12.66 -18.32
C LEU A 353 -11.07 -12.40 -19.22
N ILE A 354 -12.22 -12.96 -18.88
CA ILE A 354 -13.40 -12.89 -19.72
C ILE A 354 -14.43 -11.88 -19.18
N ALA A 355 -13.99 -10.94 -18.36
CA ALA A 355 -14.88 -9.85 -17.94
C ALA A 355 -15.55 -9.19 -19.13
N LEU A 356 -14.80 -8.95 -20.21
CA LEU A 356 -15.28 -8.11 -21.30
C LEU A 356 -16.29 -8.87 -22.17
N PRO A 357 -15.95 -10.03 -22.73
CA PRO A 357 -16.89 -10.67 -23.67
C PRO A 357 -18.25 -10.95 -23.06
N THR A 358 -18.29 -11.43 -21.82
CA THR A 358 -19.56 -11.70 -21.17
C THR A 358 -20.36 -10.42 -20.97
N THR A 359 -19.67 -9.32 -20.62
CA THR A 359 -20.37 -8.05 -20.47
C THR A 359 -20.96 -7.58 -21.78
N LEU A 360 -20.21 -7.73 -22.89
CA LEU A 360 -20.78 -7.38 -24.19
C LEU A 360 -21.98 -8.26 -24.53
N ALA A 361 -21.89 -9.56 -24.25
CA ALA A 361 -23.03 -10.44 -24.53
C ALA A 361 -24.25 -9.99 -23.75
N TYR A 362 -24.07 -9.66 -22.47
CA TYR A 362 -25.20 -9.24 -21.64
C TYR A 362 -25.74 -7.90 -22.10
N TYR A 363 -24.86 -6.99 -22.53
CA TYR A 363 -25.30 -5.70 -23.04
C TYR A 363 -26.14 -5.88 -24.30
N PHE A 364 -25.69 -6.73 -25.21
CA PHE A 364 -26.46 -6.99 -26.43
C PHE A 364 -27.79 -7.62 -26.11
N LEU A 365 -27.82 -8.56 -25.15
CA LEU A 365 -29.08 -9.16 -24.75
C LEU A 365 -30.03 -8.11 -24.18
N LEU A 366 -29.54 -7.28 -23.27
CA LEU A 366 -30.40 -6.30 -22.62
C LEU A 366 -30.84 -5.22 -23.60
N ASP A 367 -29.94 -4.76 -24.46
CA ASP A 367 -30.30 -3.70 -25.41
C ASP A 367 -31.42 -4.16 -26.34
N LEU A 368 -31.46 -5.43 -26.68
CA LEU A 368 -32.52 -5.97 -27.52
C LEU A 368 -33.88 -5.82 -26.84
N MET B 1 9.74 35.43 15.28
CA MET B 1 8.29 35.09 15.21
C MET B 1 7.73 35.32 13.81
N GLY B 2 8.59 35.18 12.80
CA GLY B 2 8.14 35.37 11.43
C GLY B 2 7.11 34.34 11.02
N ILE B 3 7.28 33.10 11.44
CA ILE B 3 6.35 32.03 11.10
C ILE B 3 5.13 32.14 12.00
N SER B 4 3.96 32.23 11.39
CA SER B 4 2.71 32.29 12.14
C SER B 4 2.29 30.90 12.59
N TRP B 5 1.40 30.87 13.58
CA TRP B 5 0.91 29.59 14.09
C TRP B 5 0.16 28.80 13.02
N LEU B 6 -0.31 29.46 11.97
CA LEU B 6 -1.02 28.74 10.91
C LEU B 6 -0.11 27.74 10.22
N ASP B 7 1.14 28.11 9.95
CA ASP B 7 2.06 27.18 9.31
C ASP B 7 2.40 26.01 10.22
N ILE B 8 2.41 26.23 11.54
CA ILE B 8 2.60 25.13 12.47
C ILE B 8 1.51 24.08 12.27
N TYR B 9 0.28 24.54 12.02
CA TYR B 9 -0.79 23.59 11.71
C TYR B 9 -0.50 22.83 10.43
N HIS B 10 0.06 23.51 9.42
CA HIS B 10 0.42 22.82 8.19
C HIS B 10 1.40 21.68 8.49
N VAL B 11 2.46 21.99 9.26
CA VAL B 11 3.47 20.97 9.54
C VAL B 11 2.86 19.82 10.33
N VAL B 12 2.06 20.15 11.34
CA VAL B 12 1.49 19.11 12.20
C VAL B 12 0.52 18.23 11.41
N SER B 13 -0.29 18.84 10.54
CA SER B 13 -1.23 18.05 9.75
C SER B 13 -0.52 17.21 8.71
N ALA B 14 0.64 17.68 8.23
CA ALA B 14 1.41 16.87 7.29
C ALA B 14 2.11 15.72 7.98
N THR B 15 2.49 15.88 9.25
CA THR B 15 3.24 14.84 9.95
C THR B 15 2.36 13.86 10.71
N VAL B 16 1.17 14.27 11.15
CA VAL B 16 0.33 13.38 11.97
C VAL B 16 -0.03 12.09 11.26
N PRO B 17 -0.50 12.10 10.00
CA PRO B 17 -0.86 10.82 9.37
C PRO B 17 0.29 9.84 9.32
N LEU B 18 1.51 10.33 9.13
CA LEU B 18 2.67 9.44 9.15
C LEU B 18 2.83 8.77 10.50
N TYR B 19 2.57 9.49 11.59
CA TYR B 19 2.67 8.89 12.91
C TYR B 19 1.48 7.99 13.22
N VAL B 20 0.31 8.26 12.65
CA VAL B 20 -0.83 7.37 12.85
C VAL B 20 -0.58 6.03 12.17
N SER B 21 -0.09 6.07 10.93
CA SER B 21 0.21 4.84 10.19
C SER B 21 1.37 4.07 10.78
N MET B 22 2.09 4.66 11.72
CA MET B 22 3.18 4.02 12.45
C MET B 22 2.76 3.49 13.80
N THR B 23 1.96 4.27 14.55
CA THR B 23 1.41 3.79 15.80
C THR B 23 0.49 2.60 15.58
N LEU B 24 -0.27 2.61 14.47
CA LEU B 24 -1.12 1.47 14.18
C LEU B 24 -0.29 0.20 14.02
N GLY B 25 0.81 0.29 13.28
CA GLY B 25 1.68 -0.87 13.11
C GLY B 25 2.31 -1.30 14.42
N PHE B 26 2.78 -0.35 15.22
CA PHE B 26 3.40 -0.71 16.50
C PHE B 26 2.40 -1.42 17.40
N LEU B 27 1.17 -0.90 17.49
CA LEU B 27 0.16 -1.53 18.33
C LEU B 27 -0.26 -2.89 17.78
N SER B 28 -0.35 -3.03 16.46
CA SER B 28 -0.68 -4.32 15.87
C SER B 28 0.39 -5.36 16.13
N ALA B 29 1.66 -4.96 16.14
CA ALA B 29 2.74 -5.90 16.39
C ALA B 29 2.91 -6.25 17.86
N ARG B 30 2.78 -5.27 18.76
CA ARG B 30 3.10 -5.46 20.17
C ARG B 30 1.86 -5.74 21.01
N HIS B 31 0.89 -4.82 21.00
CA HIS B 31 -0.24 -4.92 21.92
C HIS B 31 -1.37 -5.78 21.35
N LEU B 32 -1.92 -5.38 20.20
CA LEU B 32 -3.01 -6.16 19.61
C LEU B 32 -2.55 -7.55 19.21
N LYS B 33 -1.28 -7.70 18.87
CA LYS B 33 -0.69 -9.00 18.57
C LYS B 33 -1.42 -9.69 17.42
N LEU B 34 -1.37 -9.04 16.25
CA LEU B 34 -1.93 -9.61 15.03
C LEU B 34 -0.89 -10.34 14.19
N PHE B 35 0.35 -9.86 14.16
CA PHE B 35 1.38 -10.40 13.29
C PHE B 35 2.45 -11.06 14.14
N SER B 36 2.72 -12.34 13.88
CA SER B 36 3.85 -13.02 14.47
C SER B 36 5.14 -12.44 13.89
N PRO B 37 6.27 -12.60 14.59
CA PRO B 37 7.51 -12.00 14.07
C PRO B 37 7.81 -12.41 12.64
N GLU B 38 7.49 -13.64 12.24
CA GLU B 38 7.67 -14.03 10.85
C GLU B 38 6.76 -13.22 9.94
N GLN B 39 5.51 -13.00 10.35
CA GLN B 39 4.60 -12.19 9.55
C GLN B 39 5.07 -10.75 9.45
N CYS B 40 5.59 -10.21 10.55
CA CYS B 40 6.16 -8.86 10.52
C CYS B 40 7.33 -8.80 9.55
N ALA B 41 8.20 -9.81 9.57
CA ALA B 41 9.32 -9.84 8.64
C ALA B 41 8.84 -9.91 7.20
N GLY B 42 7.79 -10.70 6.95
CA GLY B 42 7.24 -10.77 5.60
C GLY B 42 6.68 -9.45 5.13
N ILE B 43 5.92 -8.77 5.99
CA ILE B 43 5.38 -7.47 5.62
C ILE B 43 6.51 -6.49 5.35
N ASN B 44 7.54 -6.48 6.20
CA ASN B 44 8.67 -5.59 5.99
C ASN B 44 9.38 -5.89 4.68
N LYS B 45 9.56 -7.18 4.36
CA LYS B 45 10.21 -7.55 3.11
C LYS B 45 9.40 -7.08 1.92
N PHE B 46 8.08 -7.28 1.95
CA PHE B 46 7.25 -6.81 0.85
C PHE B 46 7.35 -5.30 0.70
N VAL B 47 7.33 -4.57 1.82
CA VAL B 47 7.36 -3.12 1.75
C VAL B 47 8.72 -2.64 1.23
N ALA B 48 9.79 -3.32 1.60
CA ALA B 48 11.13 -2.89 1.25
C ALA B 48 11.62 -3.42 -0.09
N LYS B 49 10.87 -4.31 -0.73
CA LYS B 49 11.26 -4.86 -2.02
C LYS B 49 10.28 -4.61 -3.15
N PHE B 50 9.06 -4.14 -2.85
CA PHE B 50 8.07 -3.92 -3.90
C PHE B 50 7.45 -2.53 -3.81
N SER B 51 7.33 -1.99 -2.60
CA SER B 51 6.77 -0.65 -2.43
C SER B 51 7.83 0.43 -2.50
N ILE B 52 8.92 0.27 -1.74
CA ILE B 52 10.00 1.25 -1.76
C ILE B 52 10.62 1.36 -3.15
N PRO B 53 10.94 0.26 -3.85
CA PRO B 53 11.52 0.41 -5.19
C PRO B 53 10.61 1.16 -6.16
N LEU B 54 9.31 0.90 -6.14
CA LEU B 54 8.41 1.58 -7.07
C LEU B 54 8.22 3.03 -6.69
N LEU B 55 8.16 3.33 -5.40
CA LEU B 55 8.10 4.72 -4.96
C LEU B 55 9.35 5.46 -5.40
N SER B 56 10.52 4.84 -5.25
CA SER B 56 11.75 5.47 -5.72
C SER B 56 11.72 5.68 -7.23
N PHE B 57 11.21 4.69 -7.96
CA PHE B 57 11.15 4.82 -9.41
C PHE B 57 10.28 6.00 -9.82
N GLN B 58 9.09 6.12 -9.25
CA GLN B 58 8.22 7.23 -9.64
C GLN B 58 8.82 8.58 -9.21
N ILE B 59 9.39 8.65 -8.01
CA ILE B 59 10.00 9.90 -7.56
C ILE B 59 11.13 10.32 -8.48
N ILE B 60 11.98 9.37 -8.87
CA ILE B 60 13.10 9.68 -9.75
C ILE B 60 12.65 9.97 -11.17
N SER B 61 11.54 9.38 -11.62
CA SER B 61 11.05 9.63 -12.96
C SER B 61 10.32 10.97 -13.07
N GLU B 62 9.78 11.49 -11.98
CA GLU B 62 9.06 12.75 -12.00
C GLU B 62 9.99 13.95 -11.85
N ASN B 63 11.28 13.79 -12.12
CA ASN B 63 12.23 14.89 -12.10
C ASN B 63 12.88 15.03 -13.48
N ASN B 64 13.52 16.17 -13.71
CA ASN B 64 14.12 16.49 -15.00
C ASN B 64 15.63 16.45 -14.89
N PRO B 65 16.30 15.39 -15.35
CA PRO B 65 17.77 15.37 -15.26
C PRO B 65 18.44 16.51 -16.01
N PHE B 66 17.84 17.00 -17.10
CA PHE B 66 18.45 18.05 -17.89
C PHE B 66 18.23 19.44 -17.30
N LYS B 67 17.44 19.56 -16.23
CA LYS B 67 17.21 20.82 -15.54
C LYS B 67 17.48 20.66 -14.05
N MET B 68 18.58 20.00 -13.72
CA MET B 68 18.99 19.82 -12.34
C MET B 68 19.51 21.16 -11.81
N SER B 69 20.01 21.15 -10.57
CA SER B 69 20.59 22.33 -9.95
C SER B 69 22.05 22.06 -9.62
N PRO B 70 23.00 22.50 -10.46
CA PRO B 70 24.41 22.19 -10.17
C PRO B 70 24.85 22.66 -8.80
N LYS B 71 24.38 23.83 -8.35
CA LYS B 71 24.78 24.32 -7.04
C LYS B 71 24.30 23.37 -5.94
N LEU B 72 23.07 22.90 -6.03
CA LEU B 72 22.55 21.98 -5.02
C LEU B 72 23.31 20.66 -5.03
N ILE B 73 23.61 20.14 -6.22
CA ILE B 73 24.35 18.88 -6.32
C ILE B 73 25.72 19.03 -5.69
N LEU B 74 26.41 20.13 -5.98
CA LEU B 74 27.73 20.36 -5.40
C LEU B 74 27.64 20.52 -3.89
N SER B 75 26.62 21.22 -3.40
CA SER B 75 26.46 21.38 -1.96
C SER B 75 26.25 20.03 -1.28
N ASP B 76 25.37 19.20 -1.85
CA ASP B 76 25.11 17.90 -1.26
C ASP B 76 26.33 16.99 -1.31
N ILE B 77 27.10 17.03 -2.41
CA ILE B 77 28.33 16.25 -2.48
C ILE B 77 29.40 16.75 -1.50
N LEU B 78 29.48 18.06 -1.28
CA LEU B 78 30.48 18.60 -0.36
C LEU B 78 30.11 18.34 1.09
N GLN B 79 28.82 18.31 1.41
CA GLN B 79 28.42 18.03 2.79
C GLN B 79 28.89 16.64 3.22
N LYS B 80 28.73 15.65 2.34
CA LYS B 80 29.09 14.28 2.70
C LYS B 80 30.59 14.03 2.67
N PHE B 81 31.38 14.99 2.17
CA PHE B 81 32.82 14.93 2.30
C PHE B 81 33.28 15.64 3.57
N LEU B 82 32.64 16.76 3.91
CA LEU B 82 32.91 17.41 5.18
C LEU B 82 32.57 16.49 6.34
N VAL B 83 31.48 15.72 6.22
CA VAL B 83 31.14 14.75 7.26
C VAL B 83 32.25 13.71 7.38
N VAL B 84 32.76 13.23 6.25
CA VAL B 84 33.82 12.21 6.29
C VAL B 84 35.06 12.76 6.99
N VAL B 85 35.46 13.98 6.63
CA VAL B 85 36.68 14.53 7.23
C VAL B 85 36.47 14.81 8.71
N VAL B 86 35.27 15.27 9.09
CA VAL B 86 34.98 15.51 10.51
C VAL B 86 35.06 14.21 11.30
N LEU B 87 34.46 13.14 10.75
CA LEU B 87 34.50 11.86 11.44
C LEU B 87 35.92 11.34 11.54
N ALA B 88 36.71 11.48 10.46
CA ALA B 88 38.10 11.04 10.52
C ALA B 88 38.87 11.79 11.59
N MET B 89 38.68 13.11 11.68
CA MET B 89 39.37 13.90 12.69
C MET B 89 38.93 13.50 14.10
N VAL B 90 37.63 13.27 14.30
CA VAL B 90 37.14 13.02 15.65
C VAL B 90 37.35 11.57 16.08
N LEU B 91 37.66 10.67 15.16
CA LEU B 91 37.96 9.28 15.51
C LEU B 91 39.45 9.06 15.76
N ARG B 92 40.27 10.10 15.68
CA ARG B 92 41.69 9.95 16.00
C ARG B 92 42.00 10.18 17.47
N PHE B 93 41.23 11.05 18.14
CA PHE B 93 41.40 11.31 19.56
C PHE B 93 40.33 10.67 20.42
N TRP B 94 39.37 9.97 19.82
CA TRP B 94 38.29 9.34 20.58
C TRP B 94 37.77 8.17 19.76
N HIS B 95 38.16 6.95 20.16
CA HIS B 95 37.74 5.74 19.45
C HIS B 95 36.34 5.32 19.89
N GLY B 101 41.48 -2.56 17.02
CA GLY B 101 40.67 -2.98 15.89
C GLY B 101 40.47 -1.88 14.87
N GLY B 102 40.01 -2.25 13.69
CA GLY B 102 39.80 -1.29 12.62
C GLY B 102 38.81 -0.21 12.99
N LYS B 103 39.20 1.05 12.84
CA LYS B 103 38.34 2.17 13.13
C LYS B 103 37.47 2.58 11.95
N LEU B 104 37.69 1.98 10.77
CA LEU B 104 36.88 2.32 9.61
C LEU B 104 35.40 2.04 9.83
N GLY B 105 35.07 1.11 10.72
CA GLY B 105 33.68 0.82 10.99
C GLY B 105 32.95 2.02 11.56
N TRP B 106 33.63 2.82 12.38
CA TRP B 106 33.02 3.98 13.01
C TRP B 106 32.83 5.15 12.05
N VAL B 107 33.47 5.12 10.89
CA VAL B 107 33.31 6.17 9.89
C VAL B 107 32.12 5.80 9.00
N ILE B 108 32.01 4.52 8.65
CA ILE B 108 30.84 4.07 7.90
C ILE B 108 29.58 4.28 8.72
N THR B 109 29.63 3.94 10.01
CA THR B 109 28.48 4.15 10.89
C THR B 109 28.17 5.63 11.04
N GLY B 110 29.20 6.47 11.19
CA GLY B 110 28.96 7.90 11.32
C GLY B 110 28.26 8.48 10.11
N LEU B 111 28.72 8.11 8.91
CA LEU B 111 28.06 8.58 7.70
C LEU B 111 26.66 8.01 7.57
N SER B 112 26.43 6.83 8.13
CA SER B 112 25.09 6.27 8.13
C SER B 112 24.19 6.96 9.14
N ILE B 113 24.76 7.50 10.21
CA ILE B 113 23.98 8.16 11.25
C ILE B 113 23.90 9.66 11.08
N SER B 114 24.95 10.31 10.59
CA SER B 114 25.02 11.76 10.55
C SER B 114 24.32 12.34 9.32
N VAL B 115 24.77 11.95 8.12
CA VAL B 115 24.20 12.51 6.89
C VAL B 115 23.61 11.39 6.04
N LEU B 116 22.33 11.10 6.26
CA LEU B 116 21.55 10.23 5.36
C LEU B 116 20.09 10.38 5.72
N PRO B 117 19.53 11.56 5.53
CA PRO B 117 18.14 11.79 5.93
C PRO B 117 17.16 10.97 5.12
N ASN B 118 16.03 10.67 5.74
CA ASN B 118 14.96 9.90 5.10
C ASN B 118 14.16 10.83 4.18
N THR B 119 14.81 11.25 3.10
CA THR B 119 14.23 12.19 2.15
C THR B 119 13.29 11.53 1.15
N LEU B 120 12.89 10.28 1.38
CA LEU B 120 12.06 9.55 0.44
C LEU B 120 10.67 9.25 0.99
N ILE B 121 10.59 8.67 2.18
CA ILE B 121 9.29 8.29 2.74
C ILE B 121 8.63 9.47 3.46
N LEU B 122 9.35 10.13 4.35
CA LEU B 122 8.83 11.28 5.08
C LEU B 122 9.46 12.59 4.63
N GLY B 123 10.23 12.58 3.54
CA GLY B 123 10.81 13.80 3.04
C GLY B 123 9.82 14.62 2.23
N MET B 124 9.20 14.00 1.23
CA MET B 124 8.27 14.73 0.38
C MET B 124 7.12 15.33 1.17
N PRO B 125 6.42 14.61 2.04
CA PRO B 125 5.24 15.20 2.70
C PRO B 125 5.57 16.42 3.55
N ILE B 126 6.50 16.27 4.49
CA ILE B 126 6.76 17.34 5.45
C ILE B 126 7.29 18.57 4.73
N LEU B 127 8.32 18.40 3.90
CA LEU B 127 8.91 19.55 3.22
C LEU B 127 7.93 20.18 2.24
N SER B 128 7.19 19.36 1.50
CA SER B 128 6.20 19.89 0.56
C SER B 128 5.10 20.66 1.28
N ALA B 129 4.76 20.26 2.51
CA ALA B 129 3.77 21.02 3.27
C ALA B 129 4.35 22.33 3.80
N ILE B 130 5.57 22.29 4.32
CA ILE B 130 6.17 23.49 4.88
C ILE B 130 6.38 24.54 3.79
N TYR B 131 6.95 24.13 2.66
CA TYR B 131 7.33 25.05 1.59
C TYR B 131 6.51 24.85 0.32
N GLY B 132 5.34 24.25 0.42
CA GLY B 132 4.53 24.06 -0.77
C GLY B 132 5.19 23.10 -1.75
N ASP B 133 4.73 23.20 -3.00
CA ASP B 133 5.26 22.33 -4.05
C ASP B 133 6.68 22.69 -4.45
N GLU B 134 7.21 23.82 -3.97
CA GLU B 134 8.58 24.21 -4.32
C GLU B 134 9.59 23.19 -3.84
N ALA B 135 9.40 22.66 -2.62
CA ALA B 135 10.36 21.70 -2.07
C ALA B 135 10.43 20.44 -2.93
N ALA B 136 9.29 19.96 -3.41
CA ALA B 136 9.22 18.70 -4.13
C ALA B 136 10.40 18.47 -5.08
N SER B 137 10.67 19.44 -5.96
CA SER B 137 11.70 19.25 -6.97
C SER B 137 13.08 19.09 -6.33
N ILE B 138 13.40 19.93 -5.34
CA ILE B 138 14.69 19.85 -4.67
C ILE B 138 14.82 18.50 -3.98
N LEU B 139 13.73 18.02 -3.37
CA LEU B 139 13.78 16.73 -2.70
C LEU B 139 13.99 15.59 -3.70
N GLU B 140 13.37 15.66 -4.88
CA GLU B 140 13.65 14.66 -5.90
C GLU B 140 15.12 14.71 -6.31
N GLN B 141 15.66 15.91 -6.47
CA GLN B 141 17.07 16.04 -6.85
C GLN B 141 17.97 15.38 -5.80
N ILE B 142 17.66 15.59 -4.53
CA ILE B 142 18.44 14.95 -3.47
C ILE B 142 18.25 13.43 -3.49
N VAL B 143 17.04 12.97 -3.79
CA VAL B 143 16.73 11.55 -3.73
C VAL B 143 17.48 10.80 -4.83
N VAL B 144 17.55 11.35 -6.03
CA VAL B 144 18.28 10.67 -7.10
C VAL B 144 19.74 10.46 -6.67
N LEU B 145 20.36 11.48 -6.10
CA LEU B 145 21.73 11.33 -5.62
C LEU B 145 21.82 10.26 -4.54
N GLN B 146 20.98 10.36 -3.52
CA GLN B 146 21.04 9.40 -2.43
C GLN B 146 20.85 7.97 -2.94
N SER B 147 20.10 7.79 -4.03
CA SER B 147 19.81 6.46 -4.54
C SER B 147 20.89 5.95 -5.49
N LEU B 148 21.59 6.84 -6.20
CA LEU B 148 22.55 6.40 -7.21
C LEU B 148 24.00 6.48 -6.75
N ILE B 149 24.39 7.54 -6.05
CA ILE B 149 25.79 7.78 -5.68
C ILE B 149 26.08 7.30 -4.26
N TRP B 150 25.34 7.82 -3.27
CA TRP B 150 25.68 7.54 -1.88
C TRP B 150 25.33 6.10 -1.51
N TYR B 151 24.05 5.72 -1.66
CA TYR B 151 23.66 4.36 -1.28
C TYR B 151 24.50 3.30 -1.99
N THR B 152 25.33 3.68 -2.97
CA THR B 152 26.30 2.77 -3.58
C THR B 152 27.70 2.90 -2.99
N ILE B 153 28.16 4.11 -2.74
CA ILE B 153 29.48 4.28 -2.12
C ILE B 153 29.48 3.74 -0.69
N LEU B 154 28.38 3.92 0.04
CA LEU B 154 28.26 3.33 1.36
C LEU B 154 28.35 1.81 1.30
N LEU B 155 27.68 1.19 0.31
CA LEU B 155 27.79 -0.25 0.15
C LEU B 155 29.21 -0.67 -0.17
N PHE B 156 29.89 0.09 -1.03
CA PHE B 156 31.28 -0.23 -1.33
C PHE B 156 32.15 -0.14 -0.07
N LEU B 157 31.93 0.87 0.76
CA LEU B 157 32.67 0.99 2.01
C LEU B 157 32.37 -0.18 2.93
N PHE B 158 31.10 -0.58 3.00
CA PHE B 158 30.73 -1.74 3.81
C PHE B 158 31.48 -2.99 3.34
N GLU B 159 31.52 -3.20 2.03
CA GLU B 159 32.21 -4.37 1.49
C GLU B 159 33.70 -4.29 1.80
N LEU B 160 34.29 -3.11 1.66
CA LEU B 160 35.72 -2.96 1.98
C LEU B 160 35.98 -3.28 3.44
N ASN B 161 35.12 -2.81 4.34
CA ASN B 161 35.26 -3.13 5.76
C ASN B 161 35.14 -4.63 5.99
N ALA B 162 34.18 -5.27 5.32
CA ALA B 162 34.00 -6.72 5.49
C ALA B 162 35.24 -7.47 5.03
N ALA B 163 35.83 -7.05 3.91
CA ALA B 163 37.01 -7.74 3.40
C ALA B 163 38.19 -7.61 4.36
N ARG B 164 38.25 -6.51 5.12
CA ARG B 164 39.36 -6.33 6.06
C ARG B 164 39.39 -7.43 7.10
N ALA B 165 38.22 -7.80 7.63
CA ALA B 165 38.13 -8.85 8.64
C ALA B 165 38.97 -8.51 9.86
N GLY B 207 41.98 -7.71 -1.43
CA GLY B 207 42.05 -7.28 -2.81
C GLY B 207 40.89 -6.38 -3.19
N THR B 208 41.22 -5.15 -3.60
CA THR B 208 40.18 -4.19 -3.97
C THR B 208 39.34 -4.70 -5.14
N MET B 209 39.99 -5.32 -6.13
CA MET B 209 39.25 -5.82 -7.28
C MET B 209 38.25 -6.89 -6.86
N LYS B 210 38.64 -7.77 -5.93
CA LYS B 210 37.69 -8.74 -5.39
C LYS B 210 36.56 -8.04 -4.65
N ILE B 211 36.90 -7.00 -3.88
CA ILE B 211 35.88 -6.24 -3.15
C ILE B 211 34.92 -5.61 -4.15
N LEU B 212 35.44 -5.02 -5.23
CA LEU B 212 34.58 -4.41 -6.23
C LEU B 212 33.69 -5.45 -6.89
N LEU B 213 34.23 -6.63 -7.19
CA LEU B 213 33.41 -7.68 -7.78
C LEU B 213 32.28 -8.08 -6.86
N LYS B 214 32.58 -8.26 -5.57
CA LYS B 214 31.54 -8.66 -4.62
C LYS B 214 30.49 -7.56 -4.49
N ALA B 215 30.92 -6.30 -4.41
CA ALA B 215 29.97 -5.21 -4.30
C ALA B 215 29.06 -5.15 -5.51
N TRP B 216 29.63 -5.31 -6.71
CA TRP B 216 28.80 -5.31 -7.91
C TRP B 216 27.83 -6.48 -7.90
N ARG B 217 28.30 -7.66 -7.50
CA ARG B 217 27.42 -8.83 -7.50
C ARG B 217 26.25 -8.64 -6.54
N LYS B 218 26.51 -8.10 -5.35
CA LYS B 218 25.43 -7.89 -4.39
C LYS B 218 24.56 -6.69 -4.75
N LEU B 219 25.08 -5.75 -5.53
CA LEU B 219 24.31 -4.56 -5.86
C LEU B 219 23.22 -4.85 -6.89
N ILE B 220 23.52 -5.70 -7.87
CA ILE B 220 22.56 -5.95 -8.95
C ILE B 220 21.27 -6.55 -8.39
N ILE B 221 21.39 -7.50 -7.47
CA ILE B 221 20.21 -8.15 -6.91
C ILE B 221 19.33 -7.19 -6.13
N ASN B 222 19.83 -6.01 -5.81
CA ASN B 222 19.04 -5.04 -5.06
C ASN B 222 17.95 -4.45 -5.96
N PRO B 223 16.66 -4.60 -5.62
CA PRO B 223 15.62 -4.00 -6.48
C PRO B 223 15.74 -2.49 -6.59
N ASN B 224 16.22 -1.81 -5.55
CA ASN B 224 16.31 -0.36 -5.59
C ASN B 224 17.25 0.13 -6.67
N THR B 225 18.36 -0.57 -6.92
CA THR B 225 19.27 -0.15 -7.98
C THR B 225 18.57 -0.21 -9.34
N TYR B 226 17.85 -1.30 -9.61
CA TYR B 226 17.10 -1.39 -10.86
C TYR B 226 16.06 -0.30 -10.95
N ALA B 227 15.35 -0.04 -9.85
CA ALA B 227 14.32 1.00 -9.87
C ALA B 227 14.93 2.34 -10.22
N THR B 228 16.05 2.69 -9.58
CA THR B 228 16.69 3.98 -9.84
C THR B 228 17.19 4.07 -11.27
N LEU B 229 17.84 3.00 -11.75
CA LEU B 229 18.39 3.04 -13.11
C LEU B 229 17.29 3.18 -14.13
N ILE B 230 16.20 2.42 -13.98
CA ILE B 230 15.10 2.50 -14.94
C ILE B 230 14.42 3.85 -14.84
N GLY B 231 14.28 4.39 -13.62
CA GLY B 231 13.68 5.70 -13.47
C GLY B 231 14.47 6.78 -14.17
N ILE B 232 15.78 6.77 -14.03
CA ILE B 232 16.60 7.77 -14.71
C ILE B 232 16.56 7.57 -16.22
N ILE B 233 16.70 6.32 -16.67
CA ILE B 233 16.71 6.05 -18.10
C ILE B 233 15.38 6.41 -18.72
N TRP B 234 14.30 6.40 -17.95
CA TRP B 234 13.00 6.78 -18.48
C TRP B 234 12.77 8.28 -18.39
N ALA B 235 13.23 8.93 -17.32
CA ALA B 235 13.09 10.38 -17.23
C ALA B 235 13.86 11.07 -18.35
N THR B 236 15.04 10.54 -18.67
CA THR B 236 15.80 11.09 -19.79
C THR B 236 14.97 11.07 -21.07
N LEU B 237 14.38 9.92 -21.38
CA LEU B 237 13.55 9.82 -22.58
C LEU B 237 12.34 10.74 -22.49
N HIS B 238 11.68 10.77 -21.33
CA HIS B 238 10.47 11.55 -21.18
C HIS B 238 10.72 13.03 -21.42
N PHE B 239 11.84 13.55 -20.91
CA PHE B 239 12.15 14.97 -21.03
C PHE B 239 13.06 15.30 -22.21
N ARG B 240 13.46 14.32 -23.01
CA ARG B 240 14.20 14.57 -24.24
C ARG B 240 13.37 14.32 -25.48
N LEU B 241 12.83 13.12 -25.64
CA LEU B 241 11.98 12.79 -26.77
C LEU B 241 10.50 13.05 -26.50
N GLY B 242 10.13 13.42 -25.28
CA GLY B 242 8.75 13.68 -24.94
C GLY B 242 7.92 12.43 -24.71
N TRP B 243 8.54 11.27 -24.54
CA TRP B 243 7.78 10.04 -24.35
C TRP B 243 6.99 10.09 -23.05
N ASN B 244 5.87 9.37 -23.02
CA ASN B 244 5.03 9.25 -21.85
C ASN B 244 4.65 7.80 -21.63
N LEU B 245 4.41 7.43 -20.38
CA LEU B 245 4.02 6.06 -20.08
C LEU B 245 2.67 5.75 -20.72
N PRO B 246 2.47 4.52 -21.17
CA PRO B 246 1.09 4.07 -21.45
C PRO B 246 0.27 4.10 -20.18
N GLU B 247 -1.03 4.34 -20.35
CA GLU B 247 -1.92 4.41 -19.19
C GLU B 247 -1.85 3.13 -18.37
N MET B 248 -1.79 1.98 -19.03
CA MET B 248 -1.78 0.71 -18.32
C MET B 248 -0.57 0.61 -17.38
N ILE B 249 0.61 0.95 -17.89
CA ILE B 249 1.82 0.86 -17.09
C ILE B 249 1.76 1.83 -15.92
N ASP B 250 1.31 3.05 -16.17
CA ASP B 250 1.24 4.04 -15.11
C ASP B 250 0.31 3.58 -13.99
N LYS B 251 -0.88 3.10 -14.36
CA LYS B 251 -1.83 2.66 -13.35
C LYS B 251 -1.32 1.42 -12.61
N SER B 252 -0.68 0.50 -13.33
CA SER B 252 -0.13 -0.68 -12.68
C SER B 252 0.92 -0.30 -11.65
N ILE B 253 1.80 0.63 -11.99
CA ILE B 253 2.83 1.07 -11.05
C ILE B 253 2.18 1.78 -9.86
N HIS B 254 1.20 2.65 -10.13
CA HIS B 254 0.57 3.38 -9.05
C HIS B 254 -0.19 2.44 -8.11
N LEU B 255 -0.62 1.29 -8.60
CA LEU B 255 -1.31 0.35 -7.73
C LEU B 255 -0.43 -0.07 -6.56
N LEU B 256 0.84 -0.38 -6.84
CA LEU B 256 1.75 -0.85 -5.81
C LEU B 256 2.53 0.27 -5.13
N SER B 257 2.67 1.43 -5.78
CA SER B 257 3.47 2.51 -5.22
C SER B 257 2.65 3.60 -4.53
N ASP B 258 1.40 3.80 -4.93
CA ASP B 258 0.61 4.89 -4.35
C ASP B 258 0.29 4.66 -2.89
N GLY B 259 0.36 3.42 -2.41
CA GLY B 259 0.10 3.13 -1.02
C GLY B 259 1.35 2.73 -0.27
N GLY B 260 2.51 2.90 -0.90
CA GLY B 260 3.75 2.47 -0.27
C GLY B 260 4.19 3.36 0.86
N LEU B 261 3.78 4.63 0.84
CA LEU B 261 4.24 5.57 1.86
C LEU B 261 3.69 5.21 3.23
N GLY B 262 2.40 4.90 3.32
CA GLY B 262 1.83 4.50 4.60
C GLY B 262 2.35 3.14 5.06
N MET B 263 2.48 2.19 4.15
CA MET B 263 3.00 0.88 4.53
C MET B 263 4.46 0.97 4.96
N ALA B 264 5.20 1.98 4.50
CA ALA B 264 6.58 2.14 4.97
C ALA B 264 6.61 2.44 6.46
N MET B 265 5.79 3.39 6.91
CA MET B 265 5.73 3.67 8.33
C MET B 265 5.08 2.53 9.10
N PHE B 266 4.14 1.80 8.49
CA PHE B 266 3.61 0.61 9.15
C PHE B 266 4.70 -0.41 9.41
N SER B 267 5.55 -0.64 8.40
CA SER B 267 6.68 -1.55 8.57
C SER B 267 7.64 -1.05 9.63
N LEU B 268 7.89 0.26 9.66
CA LEU B 268 8.78 0.80 10.69
C LEU B 268 8.18 0.60 12.08
N GLY B 269 6.87 0.78 12.22
CA GLY B 269 6.24 0.51 13.50
C GLY B 269 6.34 -0.94 13.91
N LEU B 270 6.15 -1.85 12.94
CA LEU B 270 6.36 -3.26 13.23
C LEU B 270 7.79 -3.51 13.70
N PHE B 271 8.76 -2.85 13.06
CA PHE B 271 10.15 -2.96 13.48
C PHE B 271 10.33 -2.52 14.93
N MET B 272 9.82 -1.33 15.27
CA MET B 272 9.98 -0.84 16.63
C MET B 272 9.34 -1.78 17.64
N ALA B 273 8.16 -2.33 17.30
CA ALA B 273 7.53 -3.31 18.17
C ALA B 273 8.39 -4.56 18.32
N SER B 274 9.08 -4.97 17.25
CA SER B 274 9.81 -6.22 17.28
C SER B 274 10.89 -6.22 18.36
N GLN B 275 11.68 -5.16 18.42
CA GLN B 275 12.75 -5.09 19.42
C GLN B 275 12.19 -4.76 20.79
N SER B 276 12.74 -5.42 21.81
CA SER B 276 12.24 -5.25 23.17
C SER B 276 12.67 -3.90 23.75
N SER B 277 13.97 -3.67 23.84
CA SER B 277 14.49 -2.42 24.39
C SER B 277 14.44 -1.34 23.31
N ILE B 278 13.68 -0.29 23.57
CA ILE B 278 13.58 0.84 22.63
C ILE B 278 14.99 1.33 22.33
N ILE B 279 15.69 1.77 23.38
CA ILE B 279 17.09 2.16 23.25
C ILE B 279 17.92 0.90 23.47
N ALA B 280 18.54 0.39 22.39
CA ALA B 280 19.27 -0.86 22.48
C ALA B 280 20.43 -0.76 23.47
N CYS B 281 21.15 0.35 23.44
CA CYS B 281 22.25 0.61 24.35
C CYS B 281 21.83 1.67 25.36
N GLY B 282 22.75 1.96 26.29
CA GLY B 282 22.48 2.97 27.29
C GLY B 282 22.26 4.34 26.68
N THR B 283 22.14 5.33 27.55
CA THR B 283 21.95 6.70 27.11
C THR B 283 23.06 7.11 26.14
N LYS B 284 24.30 6.70 26.44
CA LYS B 284 25.47 7.11 25.69
C LYS B 284 25.21 7.12 24.19
N MET B 285 24.88 5.96 23.63
CA MET B 285 24.67 5.89 22.19
C MET B 285 23.55 6.83 21.78
N ALA B 286 22.34 6.60 22.28
CA ALA B 286 21.18 7.43 21.93
C ALA B 286 21.53 8.91 21.83
N ILE B 287 22.11 9.48 22.89
CA ILE B 287 22.42 10.92 22.86
C ILE B 287 23.45 11.22 21.79
N ILE B 288 24.48 10.37 21.67
CA ILE B 288 25.53 10.64 20.69
C ILE B 288 24.95 10.67 19.28
N THR B 289 24.12 9.67 18.96
CA THR B 289 23.58 9.54 17.62
C THR B 289 22.58 10.66 17.32
N MET B 290 21.73 11.02 18.28
CA MET B 290 20.81 12.12 18.07
C MET B 290 21.55 13.43 17.84
N LEU B 291 22.55 13.71 18.67
CA LEU B 291 23.32 14.93 18.51
C LEU B 291 24.01 14.92 17.15
N LEU B 292 24.59 13.78 16.78
CA LEU B 292 25.31 13.68 15.51
C LEU B 292 24.37 13.96 14.33
N LYS B 293 23.20 13.35 14.33
CA LYS B 293 22.29 13.52 13.20
C LYS B 293 21.72 14.93 13.13
N PHE B 294 21.19 15.43 14.25
CA PHE B 294 20.45 16.69 14.22
C PHE B 294 21.33 17.92 14.33
N VAL B 295 22.47 17.81 15.02
CA VAL B 295 23.35 18.97 15.18
C VAL B 295 24.39 19.00 14.07
N LEU B 296 25.20 17.93 13.96
CA LEU B 296 26.29 17.95 13.00
C LEU B 296 25.79 17.91 11.57
N GLY B 297 24.71 17.18 11.29
CA GLY B 297 24.21 17.05 9.95
C GLY B 297 23.85 18.40 9.34
N PRO B 298 22.81 19.03 9.87
CA PRO B 298 22.43 20.36 9.39
C PRO B 298 23.55 21.38 9.52
N ALA B 299 24.41 21.27 10.53
CA ALA B 299 25.52 22.20 10.67
C ALA B 299 26.48 22.11 9.48
N LEU B 300 26.89 20.90 9.11
CA LEU B 300 27.77 20.75 7.97
C LEU B 300 27.05 21.09 6.67
N MET B 301 25.75 20.82 6.58
CA MET B 301 25.00 21.25 5.41
C MET B 301 25.00 22.78 5.30
N ILE B 302 24.85 23.47 6.43
CA ILE B 302 24.91 24.92 6.43
C ILE B 302 26.28 25.39 5.97
N ALA B 303 27.34 24.74 6.47
CA ALA B 303 28.68 25.12 6.06
C ALA B 303 28.85 24.95 4.55
N SER B 304 28.41 23.82 4.01
CA SER B 304 28.54 23.58 2.58
C SER B 304 27.73 24.58 1.76
N ALA B 305 26.50 24.86 2.20
CA ALA B 305 25.67 25.82 1.48
C ALA B 305 26.29 27.21 1.49
N TYR B 306 26.80 27.63 2.64
CA TYR B 306 27.45 28.94 2.73
C TYR B 306 28.68 29.00 1.83
N CYS B 307 29.46 27.93 1.80
CA CYS B 307 30.62 27.90 0.91
C CYS B 307 30.18 28.00 -0.55
N ILE B 308 29.14 27.25 -0.93
CA ILE B 308 28.63 27.29 -2.30
C ILE B 308 27.71 28.48 -2.54
N ARG B 309 27.27 29.16 -1.48
CA ARG B 309 26.44 30.36 -1.59
C ARG B 309 25.06 30.06 -2.18
N LEU B 310 24.47 28.92 -1.78
CA LEU B 310 23.09 28.66 -2.16
C LEU B 310 22.19 29.77 -1.67
N LYS B 311 21.27 30.22 -2.52
CA LYS B 311 20.43 31.36 -2.23
C LYS B 311 18.97 30.95 -2.17
N SER B 312 18.16 31.81 -1.52
CA SER B 312 16.72 31.64 -1.37
C SER B 312 16.21 30.25 -1.00
N THR B 313 15.11 29.82 -1.63
CA THR B 313 14.42 28.60 -1.23
C THR B 313 15.35 27.39 -1.24
N LEU B 314 16.27 27.34 -2.19
CA LEU B 314 17.23 26.23 -2.23
C LEU B 314 17.97 26.12 -0.91
N PHE B 315 18.41 27.26 -0.37
CA PHE B 315 19.08 27.26 0.92
C PHE B 315 18.21 26.64 2.01
N LYS B 316 16.97 27.12 2.12
CA LYS B 316 16.09 26.72 3.21
C LYS B 316 15.58 25.29 3.05
N VAL B 317 15.38 24.81 1.82
CA VAL B 317 14.92 23.45 1.59
C VAL B 317 16.07 22.46 1.51
N ALA B 318 17.31 22.93 1.45
CA ALA B 318 18.48 22.07 1.44
C ALA B 318 19.12 21.92 2.82
N ILE B 319 19.03 22.96 3.66
CA ILE B 319 19.53 22.83 5.01
C ILE B 319 18.50 22.17 5.94
N LEU B 320 17.21 22.29 5.62
CA LEU B 320 16.17 21.68 6.43
C LEU B 320 15.93 20.22 6.08
N GLN B 321 16.29 19.79 4.87
CA GLN B 321 16.15 18.39 4.49
C GLN B 321 17.21 17.50 5.12
N ALA B 322 18.34 18.06 5.54
CA ALA B 322 19.37 17.31 6.25
C ALA B 322 18.99 17.06 7.70
N ALA B 323 17.96 17.72 8.20
CA ALA B 323 17.50 17.54 9.57
C ALA B 323 16.46 16.44 9.70
N LEU B 324 16.04 15.83 8.60
CA LEU B 324 15.02 14.80 8.66
C LEU B 324 15.57 13.56 9.38
N PRO B 325 14.69 12.75 9.96
CA PRO B 325 15.14 11.57 10.69
C PRO B 325 15.95 10.64 9.80
N GLN B 326 16.54 9.63 10.44
CA GLN B 326 17.51 8.76 9.79
C GLN B 326 16.82 7.87 8.76
N GLY B 327 17.63 7.38 7.80
CA GLY B 327 17.16 6.41 6.85
C GLY B 327 17.17 5.00 7.42
N VAL B 328 16.55 4.08 6.67
CA VAL B 328 16.43 2.70 7.12
C VAL B 328 17.39 1.81 6.34
N VAL B 329 17.69 2.21 5.11
CA VAL B 329 18.61 1.43 4.26
C VAL B 329 19.93 1.24 4.99
N PRO B 330 20.48 2.27 5.64
CA PRO B 330 21.70 2.05 6.42
C PRO B 330 21.54 0.95 7.47
N PHE B 331 20.38 0.89 8.12
CA PHE B 331 20.13 -0.20 9.06
C PHE B 331 20.11 -1.53 8.33
N VAL B 332 19.52 -1.57 7.13
CA VAL B 332 19.50 -2.82 6.37
C VAL B 332 20.93 -3.30 6.15
N PHE B 333 21.81 -2.40 5.70
CA PHE B 333 23.20 -2.78 5.46
C PHE B 333 23.85 -3.25 6.75
N ALA B 334 23.68 -2.50 7.83
CA ALA B 334 24.35 -2.83 9.09
C ALA B 334 23.89 -4.19 9.60
N LYS B 335 22.58 -4.45 9.57
CA LYS B 335 22.08 -5.73 10.04
C LYS B 335 22.55 -6.87 9.16
N GLU B 336 22.58 -6.66 7.84
CA GLU B 336 23.08 -7.71 6.95
C GLU B 336 24.53 -8.02 7.26
N TYR B 337 25.35 -7.00 7.49
CA TYR B 337 26.77 -7.18 7.78
C TYR B 337 27.09 -7.13 9.27
N ASN B 338 26.08 -6.94 10.13
CA ASN B 338 26.27 -6.89 11.57
C ASN B 338 27.41 -5.95 11.93
N LEU B 339 27.22 -4.68 11.59
CA LEU B 339 28.18 -3.62 11.88
C LEU B 339 27.47 -2.59 12.76
N HIS B 340 27.53 -2.81 14.08
CA HIS B 340 26.86 -1.96 15.05
C HIS B 340 25.39 -1.74 14.68
N PRO B 341 24.62 -2.81 14.48
CA PRO B 341 23.20 -2.63 14.15
C PRO B 341 22.39 -2.17 15.34
N GLU B 342 22.99 -2.18 16.53
CA GLU B 342 22.33 -1.79 17.76
C GLU B 342 22.30 -0.28 17.96
N ILE B 343 23.01 0.48 17.14
CA ILE B 343 23.04 1.94 17.26
C ILE B 343 22.36 2.55 16.04
N ILE B 344 22.55 1.94 14.87
CA ILE B 344 21.90 2.41 13.66
C ILE B 344 20.38 2.31 13.73
N SER B 345 19.85 1.46 14.61
CA SER B 345 18.40 1.35 14.80
C SER B 345 17.94 2.16 16.00
N THR B 346 18.73 2.18 17.08
CA THR B 346 18.41 3.06 18.20
C THR B 346 18.34 4.51 17.75
N GLY B 347 19.13 4.88 16.75
CA GLY B 347 19.05 6.20 16.19
C GLY B 347 17.86 6.36 15.27
N VAL B 348 17.58 5.34 14.45
CA VAL B 348 16.49 5.44 13.49
C VAL B 348 15.16 5.67 14.21
N ILE B 349 14.87 4.83 15.20
CA ILE B 349 13.57 4.92 15.86
C ILE B 349 13.48 6.20 16.69
N PHE B 350 14.56 6.57 17.37
CA PHE B 350 14.54 7.79 18.17
C PHE B 350 14.35 9.03 17.29
N GLY B 351 15.05 9.07 16.16
CA GLY B 351 14.87 10.19 15.24
C GLY B 351 13.47 10.23 14.67
N MET B 352 12.90 9.06 14.35
CA MET B 352 11.53 9.04 13.85
C MET B 352 10.57 9.56 14.90
N LEU B 353 10.82 9.26 16.17
CA LEU B 353 9.96 9.79 17.23
C LEU B 353 10.13 11.29 17.40
N ILE B 354 11.36 11.80 17.28
CA ILE B 354 11.65 13.19 17.63
C ILE B 354 11.71 14.11 16.41
N ALA B 355 11.37 13.61 15.21
CA ALA B 355 11.52 14.43 14.01
C ALA B 355 10.69 15.70 14.07
N LEU B 356 9.44 15.59 14.48
CA LEU B 356 8.54 16.75 14.39
C LEU B 356 9.04 17.95 15.18
N PRO B 357 9.38 17.83 16.47
CA PRO B 357 9.83 19.03 17.19
C PRO B 357 11.11 19.63 16.62
N THR B 358 12.11 18.82 16.30
CA THR B 358 13.35 19.36 15.76
C THR B 358 13.13 19.95 14.36
N THR B 359 12.29 19.31 13.56
CA THR B 359 12.00 19.86 12.23
C THR B 359 11.33 21.22 12.35
N LEU B 360 10.36 21.35 13.26
CA LEU B 360 9.73 22.65 13.48
C LEU B 360 10.73 23.66 13.99
N ALA B 361 11.63 23.24 14.89
CA ALA B 361 12.62 24.16 15.43
C ALA B 361 13.53 24.69 14.33
N TYR B 362 14.00 23.83 13.44
CA TYR B 362 14.84 24.30 12.34
C TYR B 362 14.05 25.10 11.30
N TYR B 363 12.77 24.78 11.10
CA TYR B 363 11.96 25.62 10.23
C TYR B 363 11.85 27.03 10.77
N PHE B 364 11.64 27.15 12.09
CA PHE B 364 11.64 28.47 12.71
C PHE B 364 13.00 29.14 12.62
N LEU B 365 14.07 28.38 12.84
CA LEU B 365 15.41 28.96 12.84
C LEU B 365 15.77 29.50 11.46
N LEU B 366 15.44 28.77 10.40
CA LEU B 366 15.82 29.21 9.06
C LEU B 366 15.19 30.55 8.71
N ASP B 367 14.02 30.85 9.28
CA ASP B 367 13.36 32.11 8.98
C ASP B 367 14.21 33.29 9.44
N LEU B 368 14.84 33.17 10.61
CA LEU B 368 15.69 34.24 11.14
C LEU B 368 16.74 34.66 10.13
#